data_6QBJ
#
_entry.id   6QBJ
#
_entity_poly.entity_id   1
_entity_poly.type   'polypeptide(L)'
_entity_poly.pdbx_seq_one_letter_code
;VVFYVALTAV(NLE)VAVALYAYGL(ABA)FRL(NLE)GASGPNKKESRGRG(NH2)
;
_entity_poly.pdbx_strand_id   A
#
loop_
_chem_comp.id
_chem_comp.type
_chem_comp.name
_chem_comp.formula
NH2 non-polymer 'AMINO GROUP' 'H2 N'
#
# COMPACT_ATOMS: atom_id res chain seq x y z
N VAL A 1 3.19 -19.80 0.91
CA VAL A 1 2.18 -18.82 1.39
C VAL A 1 1.90 -19.01 2.89
N VAL A 2 1.58 -17.91 3.59
CA VAL A 2 1.17 -17.88 5.02
C VAL A 2 -0.09 -17.03 5.26
N PHE A 3 -0.87 -16.76 4.19
CA PHE A 3 -1.96 -15.77 4.13
C PHE A 3 -1.61 -14.40 4.77
N TYR A 4 -0.34 -13.98 4.61
CA TYR A 4 0.22 -12.67 4.98
C TYR A 4 0.06 -12.27 6.46
N VAL A 5 -0.18 -13.21 7.38
CA VAL A 5 -0.47 -12.94 8.81
C VAL A 5 0.56 -12.03 9.51
N ALA A 6 1.85 -12.16 9.17
CA ALA A 6 2.90 -11.28 9.70
C ALA A 6 2.82 -9.85 9.10
N LEU A 7 2.67 -9.74 7.76
CA LEU A 7 2.56 -8.47 7.05
C LEU A 7 1.38 -7.63 7.57
N THR A 8 0.22 -8.27 7.77
CA THR A 8 -0.99 -7.65 8.32
C THR A 8 -0.84 -7.18 9.78
N ALA A 9 0.18 -7.63 10.52
CA ALA A 9 0.32 -7.39 11.97
C ALA A 9 1.62 -6.64 12.33
N VAL A 10 2.80 -7.28 12.20
CA VAL A 10 4.10 -6.66 12.52
C VAL A 10 4.59 -5.65 11.47
N NLE A 11 3.91 -5.57 10.31
CA NLE A 11 4.07 -4.52 9.29
C NLE A 11 2.74 -3.80 8.97
O NLE A 11 2.62 -3.13 7.95
CB NLE A 11 4.72 -5.09 8.01
CG NLE A 11 6.12 -5.70 8.26
CD NLE A 11 6.76 -6.25 6.98
CE NLE A 11 7.06 -5.19 5.92
H NLE A 11 3.21 -6.29 10.14
HA NLE A 11 4.73 -3.76 9.68
HB2 NLE A 11 4.08 -5.84 7.58
HB3 NLE A 11 4.84 -4.27 7.30
HG2 NLE A 11 6.78 -4.93 8.69
HG3 NLE A 11 6.03 -6.52 8.97
HD2 NLE A 11 7.70 -6.74 7.26
HD3 NLE A 11 6.11 -7.02 6.55
HE1 NLE A 11 7.66 -4.38 6.36
HE2 NLE A 11 7.63 -5.64 5.11
HE3 NLE A 11 6.14 -4.79 5.51
N VAL A 12 1.73 -3.93 9.86
CA VAL A 12 0.43 -3.22 9.86
C VAL A 12 -0.26 -3.05 8.49
N ALA A 13 -0.16 -4.08 7.62
CA ALA A 13 -0.68 -4.10 6.25
C ALA A 13 -0.19 -2.95 5.34
N VAL A 14 1.04 -2.45 5.56
CA VAL A 14 1.68 -1.34 4.83
C VAL A 14 1.65 -1.46 3.29
N ALA A 15 1.56 -2.68 2.76
CA ALA A 15 1.38 -2.95 1.32
C ALA A 15 0.17 -2.22 0.70
N LEU A 16 -0.89 -1.96 1.46
CA LEU A 16 -2.05 -1.15 1.03
C LEU A 16 -1.64 0.29 0.70
N TYR A 17 -0.87 0.93 1.59
CA TYR A 17 -0.39 2.31 1.41
C TYR A 17 0.66 2.41 0.30
N ALA A 18 1.50 1.38 0.13
CA ALA A 18 2.41 1.26 -1.01
C ALA A 18 1.64 1.18 -2.35
N TYR A 19 0.66 0.27 -2.48
CA TYR A 19 -0.21 0.18 -3.66
C TYR A 19 -0.95 1.51 -3.94
N GLY A 20 -1.38 2.20 -2.87
CA GLY A 20 -2.03 3.51 -2.92
C GLY A 20 -1.20 4.69 -3.44
N LEU A 21 0.07 4.48 -3.82
CA LEU A 21 0.91 5.47 -4.51
C LEU A 21 1.78 4.88 -5.65
N ABA A 22 2.17 3.61 -5.57
CA ABA A 22 2.91 2.90 -6.62
C ABA A 22 1.99 2.38 -7.74
O ABA A 22 2.49 2.04 -8.82
CB ABA A 22 3.69 1.73 -6.00
CG ABA A 22 4.78 2.20 -5.02
H ABA A 22 1.97 3.10 -4.71
HA ABA A 22 3.62 3.59 -7.08
HB3 ABA A 22 4.19 1.18 -6.81
HB2 ABA A 22 3.02 1.05 -5.49
HG1 ABA A 22 5.34 1.34 -4.65
HG3 ABA A 22 4.33 2.71 -4.17
HG2 ABA A 22 5.46 2.89 -5.53
N PHE A 23 0.67 2.34 -7.52
CA PHE A 23 -0.32 1.82 -8.48
C PHE A 23 -1.56 2.72 -8.60
N ARG A 24 -2.16 3.10 -7.46
CA ARG A 24 -3.31 4.04 -7.32
C ARG A 24 -4.45 3.88 -8.34
N LEU A 25 -4.71 2.63 -8.76
CA LEU A 25 -5.62 2.26 -9.87
C LEU A 25 -7.10 2.54 -9.58
N NLE A 26 -7.52 2.45 -8.32
CA NLE A 26 -8.91 2.51 -7.85
C NLE A 26 -9.01 3.13 -6.46
O NLE A 26 -8.06 3.07 -5.67
CB NLE A 26 -9.54 1.10 -7.90
CG NLE A 26 -8.78 0.05 -7.08
CD NLE A 26 -9.44 -1.35 -7.10
CE NLE A 26 -9.48 -1.99 -8.49
H NLE A 26 -6.81 2.25 -7.61
HA NLE A 26 -9.47 3.15 -8.54
HB2 NLE A 26 -10.56 1.17 -7.55
HB3 NLE A 26 -9.56 0.79 -8.95
HG2 NLE A 26 -7.77 -0.06 -7.46
HG3 NLE A 26 -8.72 0.37 -6.05
HD2 NLE A 26 -8.88 -2.00 -6.43
HD3 NLE A 26 -10.47 -1.26 -6.72
HE1 NLE A 26 -9.85 -3.01 -8.40
HE2 NLE A 26 -10.13 -1.44 -9.15
HE3 NLE A 26 -8.47 -2.01 -8.91
N GLY A 27 -10.16 3.73 -6.14
CA GLY A 27 -10.31 4.64 -4.99
C GLY A 27 -11.70 4.72 -4.35
N ALA A 28 -12.61 3.80 -4.67
CA ALA A 28 -13.97 3.76 -4.09
C ALA A 28 -13.97 3.54 -2.55
N SER A 29 -12.97 2.82 -2.03
CA SER A 29 -12.88 2.37 -0.63
C SER A 29 -11.44 2.33 -0.06
N GLY A 30 -10.49 3.03 -0.68
CA GLY A 30 -9.05 2.97 -0.29
C GLY A 30 -8.15 4.07 -0.85
N PRO A 31 -6.87 4.11 -0.41
CA PRO A 31 -5.92 5.19 -0.72
C PRO A 31 -5.56 5.22 -2.21
N ASN A 32 -5.60 6.41 -2.82
CA ASN A 32 -5.40 6.60 -4.27
C ASN A 32 -4.93 8.02 -4.69
N LYS A 33 -4.53 8.87 -3.73
CA LYS A 33 -4.31 10.33 -3.93
C LYS A 33 -2.84 10.77 -3.76
N LYS A 34 -1.90 9.85 -3.99
CA LYS A 34 -0.44 10.06 -3.96
C LYS A 34 0.23 9.35 -5.14
N GLU A 35 1.48 9.70 -5.44
CA GLU A 35 2.31 9.06 -6.48
C GLU A 35 3.79 8.97 -6.05
N SER A 36 4.56 8.07 -6.68
CA SER A 36 5.97 7.79 -6.37
C SER A 36 6.91 9.01 -6.49
N ARG A 37 7.98 9.03 -5.68
CA ARG A 37 8.99 10.10 -5.58
C ARG A 37 10.42 9.54 -5.44
N GLY A 38 11.42 10.42 -5.54
CA GLY A 38 12.85 10.08 -5.39
C GLY A 38 13.78 11.31 -5.39
N ARG A 39 15.08 11.07 -5.15
CA ARG A 39 16.13 12.11 -5.00
C ARG A 39 17.43 11.82 -5.78
N GLY A 40 17.43 10.80 -6.66
CA GLY A 40 18.62 10.36 -7.41
C GLY A 40 18.32 9.53 -8.66
N NH2 A 41 17.14 9.69 -9.27
HN1 NH2 A 41 16.49 10.39 -8.94
HN2 NH2 A 41 16.93 9.14 -10.08
N VAL A 1 0.16 -20.08 1.07
CA VAL A 1 -0.47 -18.84 1.63
C VAL A 1 -0.89 -19.05 3.10
N VAL A 2 -0.95 -17.96 3.87
CA VAL A 2 -1.37 -17.93 5.29
C VAL A 2 -2.39 -16.80 5.58
N PHE A 3 -3.14 -16.40 4.55
CA PHE A 3 -4.07 -15.26 4.52
C PHE A 3 -3.48 -13.93 5.06
N TYR A 4 -2.15 -13.78 4.93
CA TYR A 4 -1.34 -12.60 5.28
C TYR A 4 -1.48 -12.10 6.74
N VAL A 5 -1.93 -12.96 7.66
CA VAL A 5 -2.32 -12.57 9.04
C VAL A 5 -1.26 -11.78 9.82
N ALA A 6 0.03 -12.09 9.65
CA ALA A 6 1.12 -11.34 10.28
C ALA A 6 1.31 -9.95 9.66
N LEU A 7 1.29 -9.85 8.32
CA LEU A 7 1.40 -8.58 7.58
C LEU A 7 0.23 -7.64 7.96
N THR A 8 -0.99 -8.16 8.05
CA THR A 8 -2.19 -7.43 8.49
C THR A 8 -2.11 -6.94 9.95
N ALA A 9 -1.20 -7.47 10.78
CA ALA A 9 -1.13 -7.20 12.22
C ALA A 9 0.18 -6.49 12.64
N VAL A 10 1.33 -7.16 12.61
CA VAL A 10 2.65 -6.58 13.01
C VAL A 10 3.25 -5.63 11.97
N NLE A 11 2.70 -5.60 10.75
CA NLE A 11 3.00 -4.63 9.70
C NLE A 11 1.77 -3.81 9.28
O NLE A 11 1.80 -3.13 8.25
CB NLE A 11 3.66 -5.32 8.48
CG NLE A 11 4.97 -6.05 8.79
CD NLE A 11 5.52 -6.84 7.59
CE NLE A 11 5.80 -5.99 6.34
H NLE A 11 1.99 -6.31 10.55
HA NLE A 11 3.73 -3.91 10.08
HB2 NLE A 11 2.95 -6.02 8.04
HB3 NLE A 11 3.86 -4.55 7.73
HG2 NLE A 11 5.72 -5.32 9.11
HG3 NLE A 11 4.81 -6.76 9.60
HD2 NLE A 11 6.44 -7.32 7.90
HD3 NLE A 11 4.80 -7.62 7.32
HE1 NLE A 11 4.87 -5.60 5.93
HE2 NLE A 11 6.46 -5.15 6.60
HE3 NLE A 11 6.29 -6.60 5.59
N VAL A 12 0.68 -3.85 10.06
CA VAL A 12 -0.59 -3.09 9.91
C VAL A 12 -1.10 -2.94 8.46
N ALA A 13 -0.97 -4.00 7.65
CA ALA A 13 -1.33 -4.05 6.22
C ALA A 13 -0.65 -2.97 5.34
N VAL A 14 0.59 -2.55 5.68
CA VAL A 14 1.34 -1.46 5.05
C VAL A 14 1.43 -1.51 3.51
N ALA A 15 1.40 -2.71 2.92
CA ALA A 15 1.36 -2.91 1.47
C ALA A 15 0.19 -2.18 0.76
N LEU A 16 -0.93 -1.95 1.45
CA LEU A 16 -2.05 -1.13 0.95
C LEU A 16 -1.65 0.31 0.63
N TYR A 17 -0.82 0.93 1.48
CA TYR A 17 -0.38 2.31 1.29
C TYR A 17 0.71 2.43 0.20
N ALA A 18 1.55 1.39 0.06
CA ALA A 18 2.46 1.26 -1.08
C ALA A 18 1.69 1.13 -2.40
N TYR A 19 0.71 0.23 -2.49
CA TYR A 19 -0.21 0.13 -3.64
C TYR A 19 -0.94 1.46 -3.90
N GLY A 20 -1.37 2.15 -2.85
CA GLY A 20 -2.04 3.46 -2.87
C GLY A 20 -1.18 4.65 -3.35
N LEU A 21 0.07 4.43 -3.77
CA LEU A 21 0.91 5.45 -4.41
C LEU A 21 1.75 4.92 -5.60
N ABA A 22 2.17 3.65 -5.57
CA ABA A 22 2.88 2.98 -6.67
C ABA A 22 1.92 2.47 -7.77
O ABA A 22 2.37 2.20 -8.89
CB ABA A 22 3.72 1.82 -6.12
CG ABA A 22 4.81 2.26 -5.14
H ABA A 22 2.01 3.11 -4.72
HA ABA A 22 3.55 3.70 -7.14
HB3 ABA A 22 4.21 1.32 -6.97
HB2 ABA A 22 3.07 1.09 -5.63
HG1 ABA A 22 5.41 1.40 -4.85
HG3 ABA A 22 4.36 2.71 -4.26
HG2 ABA A 22 5.46 3.00 -5.62
N PHE A 23 0.62 2.36 -7.47
CA PHE A 23 -0.42 1.90 -8.39
C PHE A 23 -1.59 2.90 -8.47
N ARG A 24 -2.14 3.30 -7.31
CA ARG A 24 -3.26 4.26 -7.13
C ARG A 24 -4.41 4.13 -8.15
N LEU A 25 -4.71 2.88 -8.51
CA LEU A 25 -5.61 2.50 -9.62
C LEU A 25 -7.10 2.78 -9.36
N NLE A 26 -7.51 2.78 -8.09
CA NLE A 26 -8.90 2.92 -7.63
C NLE A 26 -8.96 3.60 -6.26
O NLE A 26 -8.00 3.50 -5.48
CB NLE A 26 -9.57 1.51 -7.62
CG NLE A 26 -8.89 0.51 -6.66
CD NLE A 26 -9.41 -0.92 -6.82
CE NLE A 26 -8.94 -1.60 -8.13
H NLE A 26 -6.81 2.65 -7.38
HA NLE A 26 -9.45 3.54 -8.34
HB2 NLE A 26 -10.61 1.63 -7.33
HB3 NLE A 26 -9.54 1.13 -8.63
HG2 NLE A 26 -7.81 0.51 -6.81
HG3 NLE A 26 -9.09 0.82 -5.63
HD2 NLE A 26 -9.04 -1.52 -6.00
HD3 NLE A 26 -10.50 -0.93 -6.79
HE1 NLE A 26 -9.26 -2.64 -8.14
HE2 NLE A 26 -9.37 -1.09 -8.99
HE3 NLE A 26 -7.86 -1.56 -8.19
N GLY A 27 -10.05 4.32 -5.97
CA GLY A 27 -10.07 5.32 -4.89
C GLY A 27 -11.42 5.65 -4.25
N ALA A 28 -12.48 4.88 -4.51
CA ALA A 28 -13.80 5.10 -3.91
C ALA A 28 -13.82 4.93 -2.37
N SER A 29 -12.92 4.08 -1.83
CA SER A 29 -12.89 3.67 -0.42
C SER A 29 -11.47 3.44 0.13
N GLY A 30 -10.42 3.98 -0.51
CA GLY A 30 -9.01 3.73 -0.14
C GLY A 30 -7.98 4.69 -0.73
N PRO A 31 -6.69 4.56 -0.35
CA PRO A 31 -5.63 5.51 -0.69
C PRO A 31 -5.32 5.54 -2.20
N ASN A 32 -5.32 6.74 -2.78
CA ASN A 32 -5.15 6.95 -4.23
C ASN A 32 -4.59 8.36 -4.60
N LYS A 33 -4.06 9.11 -3.62
CA LYS A 33 -3.79 10.57 -3.72
C LYS A 33 -2.34 10.93 -3.38
N LYS A 34 -1.42 10.01 -3.67
CA LYS A 34 0.05 10.15 -3.59
C LYS A 34 0.68 9.45 -4.81
N GLU A 35 1.95 9.74 -5.11
CA GLU A 35 2.73 9.07 -6.16
C GLU A 35 4.19 8.86 -5.73
N SER A 36 4.91 7.95 -6.40
CA SER A 36 6.30 7.56 -6.11
C SER A 36 7.31 8.73 -6.13
N ARG A 37 8.34 8.65 -5.28
CA ARG A 37 9.41 9.66 -5.10
C ARG A 37 10.79 9.00 -4.96
N GLY A 38 11.85 9.80 -5.01
CA GLY A 38 13.25 9.36 -4.80
C GLY A 38 14.26 10.52 -4.80
N ARG A 39 15.54 10.19 -4.57
CA ARG A 39 16.66 11.15 -4.42
C ARG A 39 17.91 10.79 -5.27
N GLY A 40 17.81 9.80 -6.16
CA GLY A 40 18.92 9.30 -6.97
C GLY A 40 18.51 8.50 -8.21
N NH2 A 41 17.31 8.71 -8.74
HN1 NH2 A 41 16.70 9.42 -8.36
HN2 NH2 A 41 17.03 8.17 -9.54
N VAL A 1 1.98 -20.08 0.81
CA VAL A 1 0.97 -19.08 1.25
C VAL A 1 0.56 -19.31 2.71
N VAL A 2 0.27 -18.21 3.43
CA VAL A 2 -0.27 -18.21 4.83
C VAL A 2 -1.45 -17.22 4.98
N PHE A 3 -2.12 -16.91 3.85
CA PHE A 3 -3.14 -15.85 3.70
C PHE A 3 -2.73 -14.48 4.28
N TYR A 4 -1.41 -14.20 4.26
CA TYR A 4 -0.75 -12.94 4.65
C TYR A 4 -1.03 -12.43 6.09
N VAL A 5 -1.56 -13.28 6.99
CA VAL A 5 -2.06 -12.86 8.31
C VAL A 5 -1.05 -12.10 9.17
N ALA A 6 0.25 -12.43 9.08
CA ALA A 6 1.31 -11.69 9.76
C ALA A 6 1.53 -10.29 9.15
N LEU A 7 1.66 -10.18 7.83
CA LEU A 7 1.81 -8.91 7.10
C LEU A 7 0.62 -7.97 7.41
N THR A 8 -0.60 -8.51 7.41
CA THR A 8 -1.84 -7.79 7.74
C THR A 8 -1.89 -7.25 9.18
N ALA A 9 -1.05 -7.74 10.10
CA ALA A 9 -1.11 -7.42 11.54
C ALA A 9 0.19 -6.82 12.10
N VAL A 10 1.31 -7.57 12.12
CA VAL A 10 2.60 -7.08 12.64
C VAL A 10 3.35 -6.15 11.67
N NLE A 11 2.87 -6.03 10.42
CA NLE A 11 3.24 -5.00 9.44
C NLE A 11 2.03 -4.16 8.98
O NLE A 11 2.09 -3.50 7.94
CB NLE A 11 4.00 -5.61 8.25
CG NLE A 11 5.30 -6.35 8.67
CD NLE A 11 6.04 -6.98 7.47
CE NLE A 11 6.58 -5.94 6.47
H NLE A 11 2.13 -6.67 10.15
HA NLE A 11 3.91 -4.29 9.93
HB2 NLE A 11 3.35 -6.31 7.72
HB3 NLE A 11 4.28 -4.80 7.58
HG2 NLE A 11 5.97 -5.66 9.18
HG3 NLE A 11 5.04 -7.16 9.36
HD2 NLE A 11 6.88 -7.54 7.86
HD3 NLE A 11 5.37 -7.67 6.95
HE1 NLE A 11 5.76 -5.44 5.96
HE2 NLE A 11 7.20 -5.21 6.98
HE3 NLE A 11 7.19 -6.45 5.72
N VAL A 12 0.93 -4.18 9.76
CA VAL A 12 -0.31 -3.40 9.59
C VAL A 12 -0.87 -3.27 8.16
N ALA A 13 -0.68 -4.31 7.34
CA ALA A 13 -1.00 -4.31 5.89
C ALA A 13 -0.36 -3.13 5.12
N VAL A 14 0.87 -2.71 5.46
CA VAL A 14 1.58 -1.56 4.87
C VAL A 14 1.60 -1.53 3.34
N ALA A 15 1.56 -2.71 2.70
CA ALA A 15 1.44 -2.88 1.25
C ALA A 15 0.20 -2.17 0.65
N LEU A 16 -0.87 -1.96 1.42
CA LEU A 16 -2.06 -1.18 1.02
C LEU A 16 -1.70 0.27 0.66
N TYR A 17 -0.92 0.94 1.53
CA TYR A 17 -0.52 2.35 1.34
C TYR A 17 0.58 2.47 0.27
N ALA A 18 1.45 1.46 0.13
CA ALA A 18 2.40 1.35 -0.97
C ALA A 18 1.68 1.20 -2.33
N TYR A 19 0.70 0.29 -2.44
CA TYR A 19 -0.15 0.18 -3.63
C TYR A 19 -0.92 1.49 -3.89
N GLY A 20 -1.37 2.16 -2.83
CA GLY A 20 -1.99 3.49 -2.83
C GLY A 20 -1.10 4.67 -3.31
N LEU A 21 0.14 4.41 -3.75
CA LEU A 21 0.99 5.40 -4.44
C LEU A 21 1.81 4.83 -5.62
N ABA A 22 2.18 3.54 -5.58
CA ABA A 22 2.84 2.84 -6.70
C ABA A 22 1.86 2.40 -7.80
O ABA A 22 2.28 2.14 -8.92
CB ABA A 22 3.62 1.63 -6.15
CG ABA A 22 4.76 2.02 -5.21
H ABA A 22 2.02 3.02 -4.74
HA ABA A 22 3.56 3.52 -7.16
HB3 ABA A 22 4.04 1.07 -7.00
HB2 ABA A 22 2.93 0.96 -5.63
HG1 ABA A 22 5.31 1.13 -4.91
HG3 ABA A 22 4.38 2.51 -4.32
HG2 ABA A 22 5.44 2.70 -5.74
N PHE A 23 0.55 2.34 -7.49
CA PHE A 23 -0.52 2.01 -8.42
C PHE A 23 -1.65 3.05 -8.39
N ARG A 24 -2.11 3.47 -7.20
CA ARG A 24 -3.19 4.46 -6.95
C ARG A 24 -4.41 4.33 -7.89
N LEU A 25 -4.74 3.09 -8.24
CA LEU A 25 -5.62 2.71 -9.36
C LEU A 25 -7.12 2.97 -9.09
N NLE A 26 -7.52 2.99 -7.81
CA NLE A 26 -8.91 3.04 -7.35
C NLE A 26 -9.02 3.74 -5.98
O NLE A 26 -8.09 3.67 -5.18
CB NLE A 26 -9.48 1.60 -7.30
CG NLE A 26 -8.78 0.69 -6.28
CD NLE A 26 -9.08 -0.80 -6.49
CE NLE A 26 -8.31 -1.39 -7.69
H NLE A 26 -6.81 2.88 -7.10
HA NLE A 26 -9.50 3.61 -8.06
HB2 NLE A 26 -10.55 1.65 -7.07
HB3 NLE A 26 -9.38 1.18 -8.30
HG2 NLE A 26 -7.70 0.83 -6.31
HG3 NLE A 26 -9.13 0.97 -5.28
HD2 NLE A 26 -8.77 -1.35 -5.59
HD3 NLE A 26 -10.15 -0.96 -6.64
HE1 NLE A 26 -8.50 -2.46 -7.75
HE2 NLE A 26 -8.63 -0.92 -8.62
HE3 NLE A 26 -7.24 -1.24 -7.56
N GLY A 27 -10.16 4.38 -5.71
CA GLY A 27 -10.34 5.27 -4.55
C GLY A 27 -11.71 5.18 -3.87
N ALA A 28 -12.50 4.15 -4.16
CA ALA A 28 -13.81 3.93 -3.54
C ALA A 28 -13.75 3.71 -2.01
N SER A 29 -12.66 3.08 -1.52
CA SER A 29 -12.51 2.62 -0.14
C SER A 29 -11.05 2.70 0.41
N GLY A 30 -10.14 3.41 -0.26
CA GLY A 30 -8.70 3.36 0.07
C GLY A 30 -7.81 4.44 -0.57
N PRO A 31 -6.50 4.44 -0.24
CA PRO A 31 -5.54 5.49 -0.59
C PRO A 31 -5.27 5.57 -2.10
N ASN A 32 -5.29 6.81 -2.64
CA ASN A 32 -5.20 7.07 -4.09
C ASN A 32 -4.66 8.48 -4.46
N LYS A 33 -3.99 9.19 -3.54
CA LYS A 33 -3.63 10.62 -3.67
C LYS A 33 -2.16 10.92 -3.29
N LYS A 34 -1.26 9.96 -3.56
CA LYS A 34 0.21 10.10 -3.56
C LYS A 34 0.78 9.35 -4.78
N GLU A 35 2.04 9.60 -5.12
CA GLU A 35 2.74 8.92 -6.19
C GLU A 35 4.25 8.71 -5.85
N SER A 36 4.93 7.83 -6.58
CA SER A 36 6.41 7.52 -6.42
C SER A 36 7.28 8.77 -6.56
N ARG A 37 8.45 8.76 -5.88
CA ARG A 37 9.47 9.90 -5.84
C ARG A 37 10.88 9.34 -5.75
N GLY A 38 11.86 10.23 -5.87
CA GLY A 38 13.30 9.93 -5.74
C GLY A 38 14.17 11.21 -5.63
N ARG A 39 15.47 11.04 -5.37
CA ARG A 39 16.45 12.12 -5.07
C ARG A 39 17.78 12.04 -5.84
N GLY A 40 17.90 11.14 -6.82
CA GLY A 40 19.13 10.97 -7.61
C GLY A 40 19.04 10.05 -8.84
N NH2 A 41 17.92 9.36 -9.07
HN1 NH2 A 41 17.14 9.44 -8.46
HN2 NH2 A 41 17.88 8.77 -9.88
N VAL A 1 3.81 -20.17 1.70
CA VAL A 1 2.82 -19.14 2.11
C VAL A 1 2.12 -19.51 3.43
N VAL A 2 1.70 -18.49 4.19
CA VAL A 2 0.99 -18.62 5.49
C VAL A 2 -0.23 -17.67 5.59
N PHE A 3 -0.81 -17.32 4.43
CA PHE A 3 -1.81 -16.26 4.24
C PHE A 3 -1.45 -14.93 4.93
N TYR A 4 -0.15 -14.58 4.89
CA TYR A 4 0.42 -13.28 5.25
C TYR A 4 0.12 -12.76 6.67
N VAL A 5 -0.22 -13.65 7.61
CA VAL A 5 -0.62 -13.29 9.00
C VAL A 5 0.37 -12.39 9.74
N ALA A 6 1.67 -12.51 9.47
CA ALA A 6 2.70 -11.60 9.99
C ALA A 6 2.65 -10.22 9.30
N LEU A 7 2.67 -10.17 7.96
CA LEU A 7 2.64 -8.94 7.17
C LEU A 7 1.42 -8.07 7.52
N THR A 8 0.24 -8.70 7.66
CA THR A 8 -1.02 -8.05 8.03
C THR A 8 -1.02 -7.47 9.46
N ALA A 9 -0.10 -7.86 10.34
CA ALA A 9 -0.13 -7.51 11.77
C ALA A 9 1.17 -6.83 12.27
N VAL A 10 2.32 -7.50 12.23
CA VAL A 10 3.63 -6.92 12.66
C VAL A 10 4.24 -5.96 11.63
N NLE A 11 3.69 -5.92 10.40
CA NLE A 11 3.94 -4.89 9.38
C NLE A 11 2.64 -4.17 8.96
O NLE A 11 2.59 -3.54 7.91
CB NLE A 11 4.68 -5.49 8.16
CG NLE A 11 6.05 -6.11 8.53
CD NLE A 11 6.79 -6.70 7.32
CE NLE A 11 7.21 -5.66 6.27
H NLE A 11 3.01 -6.63 10.18
HA NLE A 11 4.59 -4.13 9.81
HB2 NLE A 11 4.06 -6.24 7.69
HB3 NLE A 11 4.86 -4.68 7.44
HG2 NLE A 11 6.68 -5.35 8.99
HG3 NLE A 11 5.89 -6.91 9.24
HD2 NLE A 11 7.68 -7.22 7.68
HD3 NLE A 11 6.14 -7.44 6.83
HE1 NLE A 11 6.34 -5.22 5.79
HE2 NLE A 11 7.80 -4.88 6.76
HE3 NLE A 11 7.82 -6.15 5.51
N VAL A 12 1.61 -4.24 9.81
CA VAL A 12 0.31 -3.52 9.75
C VAL A 12 -0.34 -3.42 8.35
N ALA A 13 -0.17 -4.44 7.50
CA ALA A 13 -0.63 -4.47 6.10
C ALA A 13 -0.16 -3.26 5.25
N VAL A 14 1.05 -2.73 5.53
CA VAL A 14 1.63 -1.53 4.89
C VAL A 14 1.62 -1.53 3.35
N ALA A 15 1.57 -2.71 2.73
CA ALA A 15 1.38 -2.90 1.29
C ALA A 15 0.14 -2.17 0.71
N LEU A 16 -0.91 -1.94 1.53
CA LEU A 16 -2.07 -1.11 1.17
C LEU A 16 -1.66 0.31 0.75
N TYR A 17 -0.85 0.98 1.56
CA TYR A 17 -0.40 2.35 1.32
C TYR A 17 0.66 2.42 0.20
N ALA A 18 1.49 1.37 0.07
CA ALA A 18 2.41 1.21 -1.06
C ALA A 18 1.65 1.12 -2.40
N TYR A 19 0.66 0.22 -2.52
CA TYR A 19 -0.22 0.14 -3.70
C TYR A 19 -0.95 1.48 -3.95
N GLY A 20 -1.39 2.14 -2.89
CA GLY A 20 -2.04 3.46 -2.90
C GLY A 20 -1.19 4.65 -3.38
N LEU A 21 0.07 4.43 -3.78
CA LEU A 21 0.90 5.45 -4.45
C LEU A 21 1.78 4.90 -5.60
N ABA A 22 2.19 3.63 -5.53
CA ABA A 22 2.95 2.96 -6.61
C ABA A 22 2.04 2.47 -7.75
O ABA A 22 2.55 2.16 -8.83
CB ABA A 22 3.75 1.78 -6.02
CG ABA A 22 4.81 2.23 -5.01
H ABA A 22 2.00 3.10 -4.69
HA ABA A 22 3.65 3.67 -7.04
HB3 ABA A 22 4.25 1.27 -6.84
HB2 ABA A 22 3.07 1.07 -5.55
HG1 ABA A 22 5.38 1.35 -4.68
HG3 ABA A 22 4.35 2.69 -4.14
HG2 ABA A 22 5.49 2.94 -5.47
N PHE A 23 0.72 2.39 -7.53
CA PHE A 23 -0.24 1.89 -8.52
C PHE A 23 -1.50 2.79 -8.60
N ARG A 24 -2.14 3.09 -7.45
CA ARG A 24 -3.32 3.98 -7.28
C ARG A 24 -4.41 3.86 -8.37
N LEU A 25 -4.63 2.65 -8.87
CA LEU A 25 -5.49 2.34 -10.02
C LEU A 25 -6.99 2.64 -9.80
N NLE A 26 -7.44 2.63 -8.54
CA NLE A 26 -8.83 2.77 -8.11
C NLE A 26 -8.92 3.43 -6.72
O NLE A 26 -7.93 3.41 -5.97
CB NLE A 26 -9.51 1.39 -8.13
CG NLE A 26 -8.97 0.41 -7.09
CD NLE A 26 -9.22 -1.07 -7.44
CE NLE A 26 -8.27 -1.58 -8.52
H NLE A 26 -6.76 2.46 -7.82
HA NLE A 26 -9.36 3.42 -8.81
HB2 NLE A 26 -10.59 1.51 -7.97
HB3 NLE A 26 -9.39 0.98 -9.14
HG2 NLE A 26 -7.89 0.54 -6.96
HG3 NLE A 26 -9.44 0.62 -6.13
HD2 NLE A 26 -9.07 -1.67 -6.54
HD3 NLE A 26 -10.25 -1.19 -7.77
HE1 NLE A 26 -8.46 -2.63 -8.71
HE2 NLE A 26 -8.41 -1.04 -9.46
HE3 NLE A 26 -7.24 -1.46 -8.19
N GLY A 27 -10.07 4.00 -6.37
CA GLY A 27 -10.20 4.89 -5.21
C GLY A 27 -11.58 4.94 -4.52
N ALA A 28 -12.46 3.97 -4.78
CA ALA A 28 -13.80 3.91 -4.18
C ALA A 28 -13.79 3.72 -2.64
N SER A 29 -12.77 3.03 -2.12
CA SER A 29 -12.71 2.56 -0.71
C SER A 29 -11.29 2.54 -0.10
N GLY A 30 -10.32 3.26 -0.69
CA GLY A 30 -8.91 3.21 -0.25
C GLY A 30 -8.01 4.32 -0.81
N PRO A 31 -6.73 4.37 -0.39
CA PRO A 31 -5.78 5.45 -0.74
C PRO A 31 -5.47 5.48 -2.24
N ASN A 32 -5.60 6.66 -2.86
CA ASN A 32 -5.53 6.82 -4.33
C ASN A 32 -5.08 8.22 -4.81
N LYS A 33 -4.55 9.07 -3.93
CA LYS A 33 -4.22 10.49 -4.20
C LYS A 33 -2.79 10.87 -3.75
N LYS A 34 -1.87 9.91 -3.90
CA LYS A 34 -0.41 10.07 -3.76
C LYS A 34 0.27 9.34 -4.92
N GLU A 35 1.54 9.66 -5.19
CA GLU A 35 2.34 9.05 -6.27
C GLU A 35 3.81 8.90 -5.84
N SER A 36 4.59 8.05 -6.52
CA SER A 36 6.02 7.85 -6.29
C SER A 36 6.84 9.15 -6.45
N ARG A 37 7.84 9.35 -5.59
CA ARG A 37 8.73 10.54 -5.54
C ARG A 37 10.21 10.14 -5.37
N GLY A 38 11.11 11.13 -5.42
CA GLY A 38 12.55 10.95 -5.17
C GLY A 38 13.31 12.28 -5.04
N ARG A 39 14.61 12.20 -4.70
CA ARG A 39 15.50 13.35 -4.42
C ARG A 39 16.86 13.28 -5.16
N GLY A 40 17.00 12.36 -6.12
CA GLY A 40 18.24 12.14 -6.88
C GLY A 40 18.07 11.33 -8.18
N NH2 A 41 16.87 11.29 -8.76
HN1 NH2 A 41 16.11 11.82 -8.38
HN2 NH2 A 41 16.75 10.76 -9.60
N VAL A 1 2.87 -20.25 1.64
CA VAL A 1 2.04 -19.08 2.03
C VAL A 1 1.53 -19.20 3.46
N VAL A 2 1.28 -18.05 4.12
CA VAL A 2 0.77 -17.94 5.51
C VAL A 2 -0.39 -16.93 5.64
N PHE A 3 -1.09 -16.66 4.52
CA PHE A 3 -2.09 -15.59 4.37
C PHE A 3 -1.62 -14.21 4.90
N TYR A 4 -0.33 -13.93 4.76
CA TYR A 4 0.34 -12.64 5.03
C TYR A 4 0.15 -12.08 6.46
N VAL A 5 -0.12 -12.94 7.46
CA VAL A 5 -0.39 -12.54 8.86
C VAL A 5 0.68 -11.62 9.47
N ALA A 6 1.96 -11.83 9.16
CA ALA A 6 3.06 -10.97 9.62
C ALA A 6 3.02 -9.58 8.93
N LEU A 7 2.85 -9.55 7.61
CA LEU A 7 2.73 -8.32 6.81
C LEU A 7 1.58 -7.44 7.34
N THR A 8 0.43 -8.05 7.62
CA THR A 8 -0.76 -7.39 8.17
C THR A 8 -0.59 -6.89 9.62
N ALA A 9 0.42 -7.36 10.37
CA ALA A 9 0.57 -7.10 11.81
C ALA A 9 1.89 -6.38 12.18
N VAL A 10 3.05 -7.04 12.06
CA VAL A 10 4.37 -6.44 12.36
C VAL A 10 4.83 -5.41 11.31
N NLE A 11 4.16 -5.37 10.15
CA NLE A 11 4.30 -4.31 9.12
C NLE A 11 2.97 -3.61 8.82
O NLE A 11 2.84 -2.96 7.79
CB NLE A 11 4.96 -4.89 7.85
CG NLE A 11 6.36 -5.49 8.10
CD NLE A 11 7.05 -5.98 6.81
CE NLE A 11 7.45 -4.86 5.86
H NLE A 11 3.50 -6.11 9.97
HA NLE A 11 4.97 -3.54 9.51
HB2 NLE A 11 4.32 -5.66 7.41
HB3 NLE A 11 5.06 -4.08 7.12
HG2 NLE A 11 6.99 -4.73 8.58
HG3 NLE A 11 6.26 -6.34 8.78
HD2 NLE A 11 7.96 -6.52 7.12
HD3 NLE A 11 6.39 -6.69 6.30
HE1 NLE A 11 6.56 -4.38 5.45
HE2 NLE A 11 8.05 -4.12 6.38
HE3 NLE A 11 8.02 -5.28 5.04
N VAL A 12 1.98 -3.72 9.73
CA VAL A 12 0.68 -3.01 9.74
C VAL A 12 -0.04 -2.86 8.40
N ALA A 13 0.05 -3.89 7.54
CA ALA A 13 -0.50 -3.94 6.17
C ALA A 13 0.00 -2.80 5.25
N VAL A 14 1.23 -2.31 5.45
CA VAL A 14 1.85 -1.19 4.69
C VAL A 14 1.79 -1.34 3.17
N ALA A 15 1.73 -2.57 2.65
CA ALA A 15 1.52 -2.86 1.22
C ALA A 15 0.25 -2.21 0.63
N LEU A 16 -0.80 -1.99 1.42
CA LEU A 16 -2.00 -1.26 1.01
C LEU A 16 -1.69 0.23 0.70
N TYR A 17 -0.97 0.91 1.59
CA TYR A 17 -0.55 2.30 1.41
C TYR A 17 0.51 2.44 0.30
N ALA A 18 1.38 1.44 0.14
CA ALA A 18 2.31 1.35 -0.98
C ALA A 18 1.57 1.19 -2.32
N TYR A 19 0.58 0.31 -2.43
CA TYR A 19 -0.29 0.21 -3.62
C TYR A 19 -1.01 1.54 -3.91
N GLY A 20 -1.43 2.25 -2.86
CA GLY A 20 -2.01 3.60 -2.91
C GLY A 20 -1.09 4.73 -3.40
N LEU A 21 0.17 4.44 -3.78
CA LEU A 21 1.08 5.40 -4.42
C LEU A 21 1.92 4.81 -5.59
N ABA A 22 2.19 3.51 -5.58
CA ABA A 22 2.87 2.78 -6.66
C ABA A 22 1.91 2.32 -7.77
O ABA A 22 2.37 1.93 -8.85
CB ABA A 22 3.64 1.58 -6.08
CG ABA A 22 4.75 1.99 -5.10
H ABA A 22 1.93 2.97 -4.75
HA ABA A 22 3.60 3.45 -7.13
HB3 ABA A 22 4.09 1.02 -6.89
HB2 ABA A 22 2.93 0.91 -5.56
HG1 ABA A 22 5.28 1.10 -4.76
HG3 ABA A 22 4.34 2.50 -4.23
HG2 ABA A 22 5.45 2.65 -5.61
N PHE A 23 0.59 2.35 -7.53
CA PHE A 23 -0.45 1.91 -8.47
C PHE A 23 -1.64 2.87 -8.52
N ARG A 24 -2.24 3.20 -7.36
CA ARG A 24 -3.44 4.07 -7.18
C ARG A 24 -4.55 3.88 -8.22
N LEU A 25 -4.78 2.63 -8.63
CA LEU A 25 -5.68 2.23 -9.72
C LEU A 25 -7.17 2.54 -9.46
N NLE A 26 -7.60 2.51 -8.19
CA NLE A 26 -8.99 2.65 -7.76
C NLE A 26 -9.07 3.30 -6.36
O NLE A 26 -8.11 3.21 -5.58
CB NLE A 26 -9.68 1.28 -7.79
CG NLE A 26 -9.09 0.25 -6.80
CD NLE A 26 -9.54 -1.19 -7.07
CE NLE A 26 -8.83 -1.81 -8.27
H NLE A 26 -6.91 2.34 -7.48
HA NLE A 26 -9.52 3.31 -8.45
HB2 NLE A 26 -10.74 1.40 -7.58
HB3 NLE A 26 -9.59 0.89 -8.81
HG2 NLE A 26 -8.00 0.29 -6.82
HG3 NLE A 26 -9.41 0.53 -5.79
HD2 NLE A 26 -9.32 -1.79 -6.19
HD3 NLE A 26 -10.62 -1.21 -7.23
HE1 NLE A 26 -9.15 -2.86 -8.37
HE2 NLE A 26 -9.07 -1.28 -9.19
HE3 NLE A 26 -7.75 -1.79 -8.12
N GLY A 27 -10.19 3.95 -6.04
CA GLY A 27 -10.28 4.88 -4.90
C GLY A 27 -11.64 5.04 -4.22
N ALA A 28 -12.68 4.31 -4.64
CA ALA A 28 -14.00 4.35 -3.98
C ALA A 28 -13.98 3.80 -2.54
N SER A 29 -12.99 2.95 -2.21
CA SER A 29 -12.88 2.23 -0.92
C SER A 29 -11.43 2.09 -0.42
N GLY A 30 -10.49 2.93 -0.89
CA GLY A 30 -9.06 2.84 -0.52
C GLY A 30 -8.17 4.02 -0.95
N PRO A 31 -6.90 4.06 -0.51
CA PRO A 31 -5.97 5.16 -0.75
C PRO A 31 -5.58 5.29 -2.23
N ASN A 32 -5.63 6.51 -2.77
CA ASN A 32 -5.53 6.75 -4.23
C ASN A 32 -4.98 8.15 -4.64
N LYS A 33 -4.37 8.91 -3.71
CA LYS A 33 -4.04 10.35 -3.88
C LYS A 33 -2.57 10.68 -3.54
N LYS A 34 -1.67 9.73 -3.78
CA LYS A 34 -0.20 9.89 -3.70
C LYS A 34 0.48 9.22 -4.90
N GLU A 35 1.75 9.53 -5.13
CA GLU A 35 2.58 8.95 -6.23
C GLU A 35 4.04 8.81 -5.77
N SER A 36 4.82 7.95 -6.45
CA SER A 36 6.27 7.77 -6.21
C SER A 36 7.09 9.04 -6.50
N ARG A 37 8.18 9.25 -5.75
CA ARG A 37 9.05 10.45 -5.79
C ARG A 37 10.55 10.12 -5.72
N GLY A 38 11.40 11.13 -5.91
CA GLY A 38 12.87 11.04 -5.79
C GLY A 38 13.58 12.39 -5.91
N ARG A 39 14.91 12.40 -5.76
CA ARG A 39 15.78 13.60 -5.75
C ARG A 39 17.03 13.50 -6.66
N GLY A 40 17.11 12.46 -7.50
CA GLY A 40 18.28 12.14 -8.34
C GLY A 40 17.95 11.64 -9.75
N NH2 A 41 16.76 11.93 -10.27
HN1 NH2 A 41 16.11 12.50 -9.75
HN2 NH2 A 41 16.53 11.60 -11.19
N VAL A 1 2.50 -19.42 2.26
CA VAL A 1 1.69 -18.22 2.65
C VAL A 1 1.09 -18.40 4.05
N VAL A 2 0.79 -17.27 4.72
CA VAL A 2 0.18 -17.20 6.08
C VAL A 2 -1.02 -16.23 6.11
N PHE A 3 -1.66 -16.02 4.96
CA PHE A 3 -2.70 -14.98 4.71
C PHE A 3 -2.30 -13.57 5.19
N TYR A 4 -1.00 -13.26 5.14
CA TYR A 4 -0.38 -11.94 5.40
C TYR A 4 -0.71 -11.32 6.78
N VAL A 5 -1.10 -12.13 7.78
CA VAL A 5 -1.54 -11.65 9.10
C VAL A 5 -0.49 -10.80 9.83
N ALA A 6 0.80 -11.11 9.67
CA ALA A 6 1.90 -10.32 10.23
C ALA A 6 2.05 -8.96 9.53
N LEU A 7 2.06 -8.93 8.19
CA LEU A 7 2.13 -7.69 7.39
C LEU A 7 0.96 -6.75 7.74
N THR A 8 -0.25 -7.32 7.86
CA THR A 8 -1.50 -6.61 8.18
C THR A 8 -1.57 -6.14 9.65
N ALA A 9 -0.57 -6.45 10.50
CA ALA A 9 -0.56 -6.09 11.93
C ALA A 9 0.76 -5.47 12.42
N VAL A 10 1.87 -6.22 12.47
CA VAL A 10 3.18 -5.73 12.95
C VAL A 10 3.92 -4.86 11.92
N NLE A 11 3.44 -4.82 10.67
CA NLE A 11 3.83 -3.83 9.64
C NLE A 11 2.62 -2.97 9.17
O NLE A 11 2.64 -2.40 8.09
CB NLE A 11 4.54 -4.51 8.45
CG NLE A 11 5.77 -5.33 8.88
CD NLE A 11 6.59 -5.88 7.70
CE NLE A 11 7.35 -4.79 6.92
H NLE A 11 2.71 -5.47 10.44
HA NLE A 11 4.54 -3.14 10.08
HB2 NLE A 11 3.85 -5.15 7.92
HB3 NLE A 11 4.87 -3.73 7.76
HG2 NLE A 11 6.42 -4.71 9.50
HG3 NLE A 11 5.44 -6.18 9.48
HD2 NLE A 11 7.32 -6.59 8.09
HD3 NLE A 11 5.93 -6.42 7.02
HE1 NLE A 11 6.65 -4.12 6.42
HE2 NLE A 11 7.98 -4.23 7.60
HE3 NLE A 11 7.98 -5.27 6.16
N VAL A 12 1.59 -2.87 10.02
CA VAL A 12 0.39 -2.00 9.90
C VAL A 12 -0.22 -1.89 8.49
N ALA A 13 -0.25 -3.02 7.76
CA ALA A 13 -0.74 -3.13 6.38
C ALA A 13 -0.06 -2.19 5.36
N VAL A 14 1.25 -1.92 5.53
CA VAL A 14 2.07 -1.04 4.65
C VAL A 14 1.88 -1.29 3.15
N ALA A 15 1.63 -2.54 2.74
CA ALA A 15 1.35 -2.92 1.35
C ALA A 15 0.14 -2.18 0.73
N LEU A 16 -0.90 -1.89 1.53
CA LEU A 16 -2.07 -1.12 1.09
C LEU A 16 -1.69 0.32 0.68
N TYR A 17 -0.88 0.98 1.52
CA TYR A 17 -0.41 2.35 1.28
C TYR A 17 0.64 2.42 0.16
N ALA A 18 1.50 1.41 0.04
CA ALA A 18 2.42 1.24 -1.09
C ALA A 18 1.65 1.08 -2.42
N TYR A 19 0.66 0.20 -2.49
CA TYR A 19 -0.26 0.07 -3.65
C TYR A 19 -0.97 1.41 -3.93
N GLY A 20 -1.40 2.10 -2.88
CA GLY A 20 -2.03 3.43 -2.91
C GLY A 20 -1.14 4.61 -3.32
N LEU A 21 0.12 4.38 -3.73
CA LEU A 21 0.98 5.41 -4.33
C LEU A 21 1.82 4.91 -5.53
N ABA A 22 2.21 3.63 -5.53
CA ABA A 22 2.91 2.99 -6.67
C ABA A 22 1.94 2.56 -7.78
O ABA A 22 2.38 2.33 -8.91
CB ABA A 22 3.71 1.77 -6.17
CG ABA A 22 4.81 2.14 -5.17
H ABA A 22 2.05 3.06 -4.71
HA ABA A 22 3.61 3.70 -7.10
HB3 ABA A 22 4.18 1.30 -7.03
HB2 ABA A 22 3.03 1.05 -5.71
HG1 ABA A 22 5.36 1.25 -4.89
HG3 ABA A 22 4.38 2.57 -4.26
HG2 ABA A 22 5.49 2.87 -5.61
N PHE A 23 0.63 2.51 -7.50
CA PHE A 23 -0.42 2.13 -8.46
C PHE A 23 -1.64 3.06 -8.42
N ARG A 24 -2.16 3.38 -7.22
CA ARG A 24 -3.36 4.22 -6.96
C ARG A 24 -4.53 3.97 -7.93
N LEU A 25 -4.78 2.69 -8.23
CA LEU A 25 -5.72 2.21 -9.26
C LEU A 25 -7.19 2.61 -9.02
N NLE A 26 -7.62 2.62 -7.76
CA NLE A 26 -8.99 2.92 -7.30
C NLE A 26 -8.98 3.49 -5.87
O NLE A 26 -7.99 3.34 -5.15
CB NLE A 26 -9.87 1.66 -7.42
CG NLE A 26 -9.42 0.49 -6.53
CD NLE A 26 -10.26 -0.78 -6.73
CE NLE A 26 -9.99 -1.47 -8.08
H NLE A 26 -6.94 2.40 -7.04
HA NLE A 26 -9.40 3.69 -7.96
HB2 NLE A 26 -10.90 1.93 -7.17
HB3 NLE A 26 -9.85 1.35 -8.47
HG2 NLE A 26 -8.38 0.26 -6.71
HG3 NLE A 26 -9.52 0.79 -5.48
HD2 NLE A 26 -10.02 -1.48 -5.94
HD3 NLE A 26 -11.32 -0.53 -6.65
HE1 NLE A 26 -10.56 -2.41 -8.12
HE2 NLE A 26 -10.30 -0.83 -8.91
HE3 NLE A 26 -8.93 -1.71 -8.16
N GLY A 27 -10.06 4.15 -5.45
CA GLY A 27 -10.04 5.05 -4.29
C GLY A 27 -11.33 5.20 -3.47
N ALA A 28 -12.41 4.46 -3.77
CA ALA A 28 -13.66 4.53 -3.00
C ALA A 28 -13.53 4.01 -1.55
N SER A 29 -12.51 3.18 -1.27
CA SER A 29 -12.34 2.43 -0.01
C SER A 29 -10.88 2.33 0.48
N GLY A 30 -9.95 3.16 -0.04
CA GLY A 30 -8.52 3.08 0.29
C GLY A 30 -7.64 4.23 -0.27
N PRO A 31 -6.34 4.24 0.07
CA PRO A 31 -5.41 5.32 -0.31
C PRO A 31 -5.21 5.41 -1.83
N ASN A 32 -5.31 6.63 -2.38
CA ASN A 32 -5.38 6.86 -3.85
C ASN A 32 -4.93 8.26 -4.32
N LYS A 33 -4.30 9.07 -3.45
CA LYS A 33 -3.97 10.49 -3.68
C LYS A 33 -2.50 10.84 -3.37
N LYS A 34 -1.61 9.88 -3.61
CA LYS A 34 -0.15 10.01 -3.55
C LYS A 34 0.49 9.32 -4.76
N GLU A 35 1.75 9.63 -5.03
CA GLU A 35 2.55 9.03 -6.13
C GLU A 35 4.02 8.87 -5.67
N SER A 36 4.78 7.99 -6.35
CA SER A 36 6.21 7.74 -6.08
C SER A 36 7.08 9.00 -6.23
N ARG A 37 8.12 9.13 -5.39
CA ARG A 37 9.06 10.28 -5.33
C ARG A 37 10.52 9.83 -5.19
N GLY A 38 11.46 10.77 -5.32
CA GLY A 38 12.90 10.53 -5.18
C GLY A 38 13.73 11.82 -5.25
N ARG A 39 15.06 11.69 -5.13
CA ARG A 39 16.04 12.80 -5.07
C ARG A 39 17.22 12.65 -6.06
N GLY A 40 17.10 11.76 -7.05
CA GLY A 40 18.13 11.52 -8.08
C GLY A 40 17.80 10.41 -9.08
N NH2 A 41 16.94 9.45 -8.74
HN1 NH2 A 41 16.54 9.44 -7.82
HN2 NH2 A 41 16.72 8.73 -9.41
N VAL A 1 2.43 -20.38 3.14
CA VAL A 1 1.82 -19.13 3.67
C VAL A 1 1.18 -19.34 5.04
N VAL A 2 1.02 -18.27 5.82
CA VAL A 2 0.32 -18.22 7.12
C VAL A 2 -0.71 -17.07 7.15
N PHE A 3 -1.29 -16.77 6.00
CA PHE A 3 -2.22 -15.66 5.71
C PHE A 3 -1.82 -14.30 6.32
N TYR A 4 -0.53 -13.95 6.18
CA TYR A 4 0.02 -12.60 6.36
C TYR A 4 -0.19 -11.96 7.75
N VAL A 5 -0.37 -12.78 8.79
CA VAL A 5 -0.68 -12.32 10.17
C VAL A 5 0.34 -11.34 10.76
N ALA A 6 1.62 -11.43 10.37
CA ALA A 6 2.66 -10.47 10.77
C ALA A 6 2.55 -9.14 9.99
N LEU A 7 2.51 -9.20 8.65
CA LEU A 7 2.42 -8.02 7.77
C LEU A 7 1.18 -7.17 8.09
N THR A 8 0.04 -7.84 8.31
CA THR A 8 -1.26 -7.23 8.63
C THR A 8 -1.34 -6.66 10.07
N ALA A 9 -0.28 -6.81 10.89
CA ALA A 9 -0.26 -6.36 12.29
C ALA A 9 1.00 -5.54 12.65
N VAL A 10 2.18 -6.18 12.73
CA VAL A 10 3.45 -5.50 13.11
C VAL A 10 4.05 -4.64 11.99
N NLE A 11 3.53 -4.77 10.75
CA NLE A 11 3.81 -3.87 9.62
C NLE A 11 2.54 -3.15 9.13
O NLE A 11 2.52 -2.64 8.00
CB NLE A 11 4.54 -4.62 8.48
CG NLE A 11 5.81 -5.36 8.92
CD NLE A 11 6.56 -6.04 7.76
CE NLE A 11 7.21 -5.04 6.79
H NLE A 11 2.88 -5.52 10.60
HA NLE A 11 4.50 -3.09 9.96
HB2 NLE A 11 3.85 -5.33 8.02
HB3 NLE A 11 4.81 -3.88 7.73
HG2 NLE A 11 6.47 -4.66 9.43
HG3 NLE A 11 5.53 -6.14 9.64
HD2 NLE A 11 7.34 -6.66 8.19
HD3 NLE A 11 5.87 -6.68 7.22
HE1 NLE A 11 6.44 -4.48 6.25
HE2 NLE A 11 7.86 -4.35 7.34
HE3 NLE A 11 7.81 -5.59 6.07
N VAL A 12 1.50 -3.09 9.96
CA VAL A 12 0.24 -2.33 9.79
C VAL A 12 -0.39 -2.38 8.38
N ALA A 13 -0.28 -3.51 7.69
CA ALA A 13 -0.72 -3.71 6.30
C ALA A 13 -0.13 -2.67 5.30
N VAL A 14 1.14 -2.29 5.48
CA VAL A 14 1.91 -1.33 4.66
C VAL A 14 1.75 -1.52 3.14
N ALA A 15 1.55 -2.75 2.67
CA ALA A 15 1.29 -3.06 1.25
C ALA A 15 0.12 -2.26 0.64
N LEU A 16 -0.95 -1.98 1.39
CA LEU A 16 -2.07 -1.14 0.95
C LEU A 16 -1.63 0.30 0.66
N TYR A 17 -0.86 0.89 1.58
CA TYR A 17 -0.40 2.28 1.49
C TYR A 17 0.68 2.47 0.42
N ALA A 18 1.55 1.45 0.23
CA ALA A 18 2.46 1.39 -0.91
C ALA A 18 1.71 1.30 -2.25
N TYR A 19 0.77 0.35 -2.39
CA TYR A 19 -0.08 0.22 -3.59
C TYR A 19 -0.87 1.51 -3.89
N GLY A 20 -1.34 2.21 -2.84
CA GLY A 20 -2.01 3.50 -2.92
C GLY A 20 -1.21 4.69 -3.47
N LEU A 21 0.05 4.48 -3.87
CA LEU A 21 0.86 5.46 -4.63
C LEU A 21 1.73 4.84 -5.73
N ABA A 22 2.14 3.57 -5.58
CA ABA A 22 2.84 2.81 -6.63
C ABA A 22 1.89 2.32 -7.75
O ABA A 22 2.37 1.98 -8.83
CB ABA A 22 3.58 1.62 -6.00
CG ABA A 22 4.71 2.06 -5.06
H ABA A 22 1.96 3.11 -4.70
HA ABA A 22 3.58 3.46 -7.10
HB3 ABA A 22 4.01 1.01 -6.79
HB2 ABA A 22 2.87 1.00 -5.45
HG1 ABA A 22 5.22 1.18 -4.68
HG3 ABA A 22 4.32 2.64 -4.23
HG2 ABA A 22 5.43 2.67 -5.62
N PHE A 23 0.58 2.29 -7.50
CA PHE A 23 -0.45 1.82 -8.45
C PHE A 23 -1.69 2.71 -8.49
N ARG A 24 -2.22 3.13 -7.33
CA ARG A 24 -3.38 4.03 -7.13
C ARG A 24 -4.57 3.77 -8.08
N LEU A 25 -4.84 2.49 -8.38
CA LEU A 25 -5.77 2.02 -9.40
C LEU A 25 -7.25 2.38 -9.14
N NLE A 26 -7.65 2.41 -7.86
CA NLE A 26 -9.02 2.60 -7.38
C NLE A 26 -9.04 3.16 -5.95
O NLE A 26 -8.07 3.02 -5.21
CB NLE A 26 -9.82 1.28 -7.48
CG NLE A 26 -9.06 0.04 -6.99
CD NLE A 26 -9.97 -1.20 -7.00
CE NLE A 26 -9.15 -2.49 -6.78
H NLE A 26 -6.94 2.23 -7.16
HA NLE A 26 -9.51 3.33 -8.02
HB2 NLE A 26 -10.75 1.38 -6.91
HB3 NLE A 26 -10.09 1.12 -8.52
HG2 NLE A 26 -8.22 -0.16 -7.65
HG3 NLE A 26 -8.69 0.18 -5.97
HD2 NLE A 26 -10.72 -1.11 -6.21
HD3 NLE A 26 -10.48 -1.28 -7.96
HE1 NLE A 26 -9.83 -3.35 -6.75
HE2 NLE A 26 -8.45 -2.62 -7.60
HE3 NLE A 26 -8.61 -2.43 -5.84
N GLY A 27 -10.15 3.81 -5.57
CA GLY A 27 -10.23 4.66 -4.37
C GLY A 27 -11.53 4.58 -3.57
N ALA A 28 -12.45 3.67 -3.89
CA ALA A 28 -13.72 3.48 -3.18
C ALA A 28 -13.56 3.04 -1.71
N SER A 29 -12.44 2.38 -1.37
CA SER A 29 -12.16 1.77 -0.05
C SER A 29 -10.70 1.91 0.41
N GLY A 30 -9.90 2.81 -0.18
CA GLY A 30 -8.48 2.94 0.16
C GLY A 30 -7.73 4.14 -0.47
N PRO A 31 -6.45 4.34 -0.11
CA PRO A 31 -5.64 5.48 -0.54
C PRO A 31 -5.37 5.48 -2.05
N ASN A 32 -5.47 6.65 -2.69
CA ASN A 32 -5.47 6.81 -4.16
C ASN A 32 -5.03 8.21 -4.67
N LYS A 33 -4.40 9.02 -3.82
CA LYS A 33 -4.17 10.48 -4.04
C LYS A 33 -2.69 10.91 -3.89
N LYS A 34 -1.77 9.97 -4.08
CA LYS A 34 -0.30 10.17 -4.16
C LYS A 34 0.28 9.35 -5.33
N GLU A 35 1.51 9.65 -5.73
CA GLU A 35 2.26 8.92 -6.76
C GLU A 35 3.74 8.78 -6.37
N SER A 36 4.48 7.87 -7.02
CA SER A 36 5.91 7.61 -6.77
C SER A 36 6.80 8.85 -6.99
N ARG A 37 7.86 8.99 -6.17
CA ARG A 37 8.82 10.13 -6.16
C ARG A 37 10.27 9.66 -5.98
N GLY A 38 11.21 10.61 -6.05
CA GLY A 38 12.65 10.42 -5.80
C GLY A 38 13.39 11.74 -5.58
N ARG A 39 14.69 11.68 -5.28
CA ARG A 39 15.53 12.84 -4.88
C ARG A 39 16.86 12.94 -5.66
N GLY A 40 16.94 12.29 -6.83
CA GLY A 40 18.12 12.31 -7.70
C GLY A 40 17.96 11.57 -9.05
N NH2 A 41 17.04 10.62 -9.15
HN1 NH2 A 41 16.50 10.33 -8.35
HN2 NH2 A 41 16.91 10.17 -10.04
N VAL A 1 2.54 -20.08 1.08
CA VAL A 1 1.87 -18.92 1.73
C VAL A 1 1.64 -19.17 3.23
N VAL A 2 1.59 -18.10 4.02
CA VAL A 2 1.21 -18.08 5.45
C VAL A 2 0.05 -17.09 5.73
N PHE A 3 -0.67 -16.71 4.67
CA PHE A 3 -1.71 -15.67 4.60
C PHE A 3 -1.40 -14.39 5.40
N TYR A 4 -0.15 -13.91 5.26
CA TYR A 4 0.30 -12.55 5.60
C TYR A 4 0.17 -12.15 7.09
N VAL A 5 0.12 -13.13 8.00
CA VAL A 5 -0.08 -12.93 9.46
C VAL A 5 0.86 -11.92 10.13
N ALA A 6 2.09 -11.74 9.62
CA ALA A 6 3.03 -10.72 10.09
C ALA A 6 2.88 -9.38 9.35
N LEU A 7 2.79 -9.41 8.01
CA LEU A 7 2.68 -8.21 7.16
C LEU A 7 1.46 -7.36 7.53
N THR A 8 0.30 -8.01 7.69
CA THR A 8 -0.98 -7.39 8.04
C THR A 8 -1.04 -6.86 9.49
N ALA A 9 -0.04 -7.16 10.34
CA ALA A 9 -0.06 -6.85 11.77
C ALA A 9 1.18 -6.06 12.24
N VAL A 10 2.36 -6.70 12.35
CA VAL A 10 3.61 -6.05 12.83
C VAL A 10 4.26 -5.12 11.79
N NLE A 11 3.83 -5.19 10.52
CA NLE A 11 4.15 -4.23 9.45
C NLE A 11 2.89 -3.45 9.00
O NLE A 11 2.86 -2.90 7.89
CB NLE A 11 4.86 -4.92 8.29
CG NLE A 11 6.19 -5.59 8.68
CD NLE A 11 6.87 -6.33 7.52
CE NLE A 11 7.27 -5.42 6.35
H NLE A 11 3.21 -5.96 10.30
HA NLE A 11 4.83 -3.48 9.85
HB2 NLE A 11 4.19 -5.66 7.85
HB3 NLE A 11 5.07 -4.18 7.52
HG2 NLE A 11 6.86 -4.83 9.08
HG3 NLE A 11 6.00 -6.31 9.48
HD2 NLE A 11 7.76 -6.82 7.91
HD3 NLE A 11 6.19 -7.11 7.15
HE1 NLE A 11 6.39 -5.03 5.85
HE2 NLE A 11 7.89 -4.60 6.72
HE3 NLE A 11 7.86 -6.01 5.64
N VAL A 12 1.87 -3.39 9.85
CA VAL A 12 0.63 -2.57 9.75
C VAL A 12 -0.05 -2.56 8.37
N ALA A 13 0.01 -3.67 7.63
CA ALA A 13 -0.48 -3.81 6.25
C ALA A 13 0.08 -2.74 5.28
N VAL A 14 1.37 -2.38 5.43
CA VAL A 14 2.09 -1.36 4.62
C VAL A 14 1.88 -1.47 3.10
N ALA A 15 1.69 -2.69 2.59
CA ALA A 15 1.36 -2.97 1.18
C ALA A 15 0.13 -2.20 0.64
N LEU A 16 -0.88 -1.93 1.49
CA LEU A 16 -2.06 -1.13 1.13
C LEU A 16 -1.67 0.30 0.72
N TYR A 17 -0.91 0.97 1.58
CA TYR A 17 -0.47 2.35 1.39
C TYR A 17 0.59 2.47 0.29
N ALA A 18 1.45 1.45 0.14
CA ALA A 18 2.39 1.33 -0.97
C ALA A 18 1.65 1.20 -2.31
N TYR A 19 0.68 0.29 -2.45
CA TYR A 19 -0.15 0.17 -3.66
C TYR A 19 -0.92 1.47 -3.94
N GLY A 20 -1.37 2.16 -2.88
CA GLY A 20 -2.02 3.47 -2.91
C GLY A 20 -1.16 4.65 -3.39
N LEU A 21 0.10 4.42 -3.79
CA LEU A 21 0.96 5.42 -4.47
C LEU A 21 1.83 4.86 -5.59
N ABA A 22 2.17 3.56 -5.56
CA ABA A 22 2.88 2.86 -6.64
C ABA A 22 1.93 2.39 -7.76
O ABA A 22 2.39 2.11 -8.87
CB ABA A 22 3.64 1.65 -6.06
CG ABA A 22 4.76 2.07 -5.09
H ABA A 22 1.95 3.03 -4.73
HA ABA A 22 3.61 3.53 -7.09
HB3 ABA A 22 4.10 1.10 -6.88
HB2 ABA A 22 2.95 0.98 -5.55
HG1 ABA A 22 5.29 1.18 -4.75
HG3 ABA A 22 4.34 2.58 -4.22
HG2 ABA A 22 5.46 2.73 -5.60
N PHE A 23 0.61 2.34 -7.50
CA PHE A 23 -0.43 1.97 -8.47
C PHE A 23 -1.60 2.96 -8.47
N ARG A 24 -2.09 3.38 -7.29
CA ARG A 24 -3.21 4.33 -7.08
C ARG A 24 -4.41 4.14 -8.04
N LEU A 25 -4.74 2.86 -8.29
CA LEU A 25 -5.72 2.40 -9.28
C LEU A 25 -7.17 2.88 -9.02
N NLE A 26 -7.58 2.87 -7.75
CA NLE A 26 -8.96 3.07 -7.29
C NLE A 26 -8.99 3.55 -5.83
O NLE A 26 -8.03 3.36 -5.10
CB NLE A 26 -9.76 1.77 -7.49
CG NLE A 26 -9.18 0.55 -6.74
CD NLE A 26 -9.91 -0.74 -7.15
CE NLE A 26 -9.30 -1.96 -6.44
H NLE A 26 -6.90 2.63 -7.04
HA NLE A 26 -9.42 3.85 -7.90
HB2 NLE A 26 -10.79 1.93 -7.16
HB3 NLE A 26 -9.79 1.54 -8.55
HG2 NLE A 26 -8.12 0.44 -6.97
HG3 NLE A 26 -9.29 0.70 -5.66
HD2 NLE A 26 -10.96 -0.66 -6.89
HD3 NLE A 26 -9.81 -0.88 -8.23
HE1 NLE A 26 -9.82 -2.86 -6.77
HE2 NLE A 26 -8.25 -2.05 -6.69
HE3 NLE A 26 -9.41 -1.86 -5.36
N GLY A 27 -10.10 4.19 -5.41
CA GLY A 27 -10.12 5.02 -4.20
C GLY A 27 -11.44 5.12 -3.43
N ALA A 28 -12.42 4.26 -3.72
CA ALA A 28 -13.72 4.25 -3.02
C ALA A 28 -13.60 3.92 -1.50
N SER A 29 -12.56 3.17 -1.12
CA SER A 29 -12.35 2.65 0.25
C SER A 29 -10.86 2.57 0.67
N GLY A 30 -9.97 3.32 0.01
CA GLY A 30 -8.52 3.24 0.26
C GLY A 30 -7.65 4.37 -0.34
N PRO A 31 -6.35 4.40 -0.01
CA PRO A 31 -5.43 5.47 -0.40
C PRO A 31 -5.20 5.51 -1.93
N ASN A 32 -5.25 6.70 -2.51
CA ASN A 32 -5.17 6.92 -3.96
C ASN A 32 -4.70 8.33 -4.40
N LYS A 33 -4.22 9.17 -3.46
CA LYS A 33 -3.94 10.62 -3.66
C LYS A 33 -2.46 10.98 -3.55
N LYS A 34 -1.57 10.02 -3.76
CA LYS A 34 -0.10 10.14 -3.73
C LYS A 34 0.52 9.38 -4.93
N GLU A 35 1.77 9.69 -5.26
CA GLU A 35 2.55 9.01 -6.32
C GLU A 35 4.03 8.89 -5.91
N SER A 36 4.80 8.04 -6.60
CA SER A 36 6.25 7.90 -6.41
C SER A 36 7.02 9.18 -6.79
N ARG A 37 8.10 9.49 -6.05
CA ARG A 37 8.95 10.70 -6.19
C ARG A 37 10.45 10.37 -6.05
N GLY A 38 11.31 11.36 -6.23
CA GLY A 38 12.77 11.25 -6.04
C GLY A 38 13.49 12.60 -5.99
N ARG A 39 14.81 12.58 -5.74
CA ARG A 39 15.68 13.76 -5.52
C ARG A 39 16.96 13.79 -6.37
N GLY A 40 17.14 12.82 -7.28
CA GLY A 40 18.35 12.68 -8.12
C GLY A 40 18.17 11.82 -9.39
N NH2 A 41 16.95 11.65 -9.87
HN1 NH2 A 41 16.15 12.12 -9.46
HN2 NH2 A 41 16.83 11.07 -10.70
N VAL A 1 2.66 -19.45 1.26
CA VAL A 1 1.85 -18.42 1.96
C VAL A 1 1.60 -18.79 3.42
N VAL A 2 1.33 -17.79 4.27
CA VAL A 2 0.96 -17.94 5.70
C VAL A 2 -0.32 -17.15 6.05
N PHE A 3 -1.12 -16.80 5.03
CA PHE A 3 -2.25 -15.86 5.06
C PHE A 3 -1.99 -14.57 5.88
N TYR A 4 -0.79 -14.00 5.70
CA TYR A 4 -0.43 -12.63 6.09
C TYR A 4 -0.48 -12.31 7.60
N VAL A 5 -0.41 -13.33 8.46
CA VAL A 5 -0.47 -13.23 9.94
C VAL A 5 0.54 -12.23 10.56
N ALA A 6 1.64 -11.92 9.88
CA ALA A 6 2.61 -10.91 10.29
C ALA A 6 2.47 -9.59 9.50
N LEU A 7 2.32 -9.65 8.17
CA LEU A 7 2.22 -8.47 7.31
C LEU A 7 1.02 -7.58 7.69
N THR A 8 -0.14 -8.18 7.94
CA THR A 8 -1.36 -7.48 8.36
C THR A 8 -1.28 -6.92 9.80
N ALA A 9 -0.31 -7.34 10.60
CA ALA A 9 -0.25 -7.08 12.05
C ALA A 9 1.00 -6.28 12.47
N VAL A 10 2.21 -6.87 12.46
CA VAL A 10 3.46 -6.19 12.84
C VAL A 10 3.99 -5.23 11.76
N NLE A 11 3.45 -5.31 10.54
CA NLE A 11 3.64 -4.34 9.45
C NLE A 11 2.34 -3.61 9.06
O NLE A 11 2.30 -2.94 8.02
CB NLE A 11 4.29 -5.02 8.22
CG NLE A 11 5.68 -5.62 8.49
CD NLE A 11 6.23 -6.41 7.30
CE NLE A 11 6.39 -5.59 6.01
H NLE A 11 2.82 -6.09 10.36
HA NLE A 11 4.34 -3.56 9.78
HB2 NLE A 11 3.62 -5.80 7.87
HB3 NLE A 11 4.39 -4.28 7.44
HG2 NLE A 11 6.37 -4.81 8.75
HG3 NLE A 11 5.63 -6.30 9.35
HD2 NLE A 11 7.21 -6.81 7.57
HD3 NLE A 11 5.57 -7.26 7.09
HE1 NLE A 11 5.41 -5.30 5.63
HE2 NLE A 11 6.98 -4.70 6.22
HE3 NLE A 11 6.90 -6.19 5.26
N VAL A 12 1.29 -3.70 9.89
CA VAL A 12 -0.02 -3.01 9.77
C VAL A 12 -0.62 -2.91 8.34
N ALA A 13 -0.43 -3.96 7.52
CA ALA A 13 -0.81 -4.02 6.11
C ALA A 13 -0.23 -2.88 5.25
N VAL A 14 1.01 -2.45 5.50
CA VAL A 14 1.73 -1.37 4.78
C VAL A 14 1.66 -1.45 3.25
N ALA A 15 1.56 -2.66 2.69
CA ALA A 15 1.38 -2.91 1.26
C ALA A 15 0.15 -2.20 0.65
N LEU A 16 -0.92 -1.96 1.42
CA LEU A 16 -2.09 -1.18 0.99
C LEU A 16 -1.72 0.27 0.64
N TYR A 17 -0.91 0.91 1.48
CA TYR A 17 -0.49 2.31 1.31
C TYR A 17 0.63 2.45 0.28
N ALA A 18 1.50 1.45 0.16
CA ALA A 18 2.46 1.34 -0.95
C ALA A 18 1.72 1.22 -2.31
N TYR A 19 0.76 0.29 -2.44
CA TYR A 19 -0.13 0.19 -3.61
C TYR A 19 -0.88 1.50 -3.86
N GLY A 20 -1.31 2.18 -2.79
CA GLY A 20 -1.96 3.49 -2.79
C GLY A 20 -1.15 4.67 -3.35
N LEU A 21 0.11 4.46 -3.79
CA LEU A 21 0.91 5.45 -4.52
C LEU A 21 1.76 4.85 -5.66
N ABA A 22 2.15 3.57 -5.58
CA ABA A 22 2.82 2.84 -6.66
C ABA A 22 1.85 2.33 -7.73
O ABA A 22 2.28 1.99 -8.84
CB ABA A 22 3.62 1.67 -6.07
CG ABA A 22 4.75 2.12 -5.13
H ABA A 22 1.98 3.07 -4.71
HA ABA A 22 3.53 3.51 -7.15
HB3 ABA A 22 4.07 1.09 -6.88
HB2 ABA A 22 2.95 1.00 -5.52
HG1 ABA A 22 5.44 2.76 -5.69
HG3 ABA A 22 5.30 1.25 -4.78
HG2 ABA A 22 4.36 2.66 -4.28
N PHE A 23 0.54 2.31 -7.45
CA PHE A 23 -0.54 1.88 -8.34
C PHE A 23 -1.72 2.86 -8.36
N ARG A 24 -2.15 3.35 -7.18
CA ARG A 24 -3.21 4.37 -6.95
C ARG A 24 -4.47 4.21 -7.82
N LEU A 25 -4.84 2.97 -8.11
CA LEU A 25 -5.87 2.60 -9.10
C LEU A 25 -7.32 2.93 -8.68
N NLE A 26 -7.61 2.85 -7.37
CA NLE A 26 -8.95 3.03 -6.77
C NLE A 26 -8.84 3.49 -5.32
O NLE A 26 -7.82 3.29 -4.67
CB NLE A 26 -9.75 1.72 -6.89
CG NLE A 26 -9.17 0.56 -6.06
CD NLE A 26 -9.90 -0.77 -6.36
CE NLE A 26 -9.38 -1.90 -5.47
H NLE A 26 -6.87 2.61 -6.74
HA NLE A 26 -9.48 3.79 -7.34
HB2 NLE A 26 -10.78 1.89 -6.58
HB3 NLE A 26 -9.77 1.41 -7.94
HG2 NLE A 26 -8.11 0.43 -6.27
HG3 NLE A 26 -9.29 0.78 -5.00
HD2 NLE A 26 -10.96 -0.64 -6.20
HD3 NLE A 26 -9.73 -1.03 -7.41
HE1 NLE A 26 -9.88 -2.82 -5.73
HE2 NLE A 26 -8.31 -2.02 -5.61
HE3 NLE A 26 -9.58 -1.66 -4.42
N GLY A 27 -9.91 4.08 -4.78
CA GLY A 27 -9.88 4.66 -3.42
C GLY A 27 -11.19 5.24 -2.89
N ALA A 28 -12.34 4.61 -3.18
CA ALA A 28 -13.61 4.94 -2.51
C ALA A 28 -13.57 4.77 -0.97
N SER A 29 -12.63 3.96 -0.47
CA SER A 29 -12.39 3.67 0.96
C SER A 29 -10.89 3.51 1.28
N GLY A 30 -9.98 4.12 0.51
CA GLY A 30 -8.53 3.90 0.64
C GLY A 30 -7.61 4.88 -0.12
N PRO A 31 -6.29 4.77 0.06
CA PRO A 31 -5.29 5.72 -0.45
C PRO A 31 -5.20 5.72 -1.99
N ASN A 32 -5.30 6.91 -2.60
CA ASN A 32 -5.36 7.07 -4.07
C ASN A 32 -4.86 8.44 -4.59
N LYS A 33 -4.27 9.29 -3.74
CA LYS A 33 -4.00 10.73 -4.01
C LYS A 33 -2.50 11.10 -3.95
N LYS A 34 -1.62 10.10 -4.10
CA LYS A 34 -0.15 10.23 -4.11
C LYS A 34 0.46 9.39 -5.24
N GLU A 35 1.72 9.65 -5.57
CA GLU A 35 2.51 8.93 -6.58
C GLU A 35 3.97 8.76 -6.12
N SER A 36 4.72 7.86 -6.77
CA SER A 36 6.16 7.65 -6.52
C SER A 36 6.99 8.91 -6.85
N ARG A 37 8.05 9.16 -6.06
CA ARG A 37 8.96 10.32 -6.16
C ARG A 37 10.44 9.90 -5.96
N GLY A 38 11.36 10.83 -6.20
CA GLY A 38 12.82 10.63 -6.04
C GLY A 38 13.63 11.92 -6.06
N ARG A 39 14.95 11.81 -5.90
CA ARG A 39 15.91 12.93 -5.70
C ARG A 39 17.17 12.82 -6.59
N GLY A 40 17.10 12.06 -7.69
CA GLY A 40 18.22 11.91 -8.65
C GLY A 40 17.92 11.01 -9.86
N NH2 A 41 16.96 10.10 -9.78
HN1 NH2 A 41 16.47 9.95 -8.91
HN2 NH2 A 41 16.76 9.52 -10.58
N VAL A 1 2.73 -19.41 1.63
CA VAL A 1 1.92 -18.22 2.06
C VAL A 1 1.34 -18.42 3.46
N VAL A 2 1.03 -17.31 4.16
CA VAL A 2 0.53 -17.28 5.56
C VAL A 2 -0.72 -16.39 5.73
N PHE A 3 -1.44 -16.12 4.62
CA PHE A 3 -2.50 -15.10 4.51
C PHE A 3 -2.11 -13.74 5.13
N TYR A 4 -0.84 -13.37 4.96
CA TYR A 4 -0.24 -12.06 5.30
C TYR A 4 -0.40 -11.60 6.76
N VAL A 5 -0.59 -12.52 7.71
CA VAL A 5 -0.78 -12.19 9.15
C VAL A 5 0.34 -11.33 9.75
N ALA A 6 1.60 -11.56 9.34
CA ALA A 6 2.74 -10.74 9.77
C ALA A 6 2.73 -9.34 9.13
N LEU A 7 2.57 -9.26 7.81
CA LEU A 7 2.54 -7.99 7.06
C LEU A 7 1.42 -7.07 7.59
N THR A 8 0.25 -7.64 7.85
CA THR A 8 -0.94 -6.94 8.38
C THR A 8 -0.77 -6.43 9.82
N ALA A 9 0.27 -6.85 10.55
CA ALA A 9 0.47 -6.54 11.97
C ALA A 9 1.84 -5.91 12.28
N VAL A 10 2.94 -6.66 12.16
CA VAL A 10 4.32 -6.17 12.44
C VAL A 10 4.87 -5.23 11.35
N NLE A 11 4.19 -5.13 10.20
CA NLE A 11 4.43 -4.14 9.14
C NLE A 11 3.16 -3.30 8.84
O NLE A 11 3.06 -2.70 7.77
CB NLE A 11 5.00 -4.80 7.87
CG NLE A 11 6.30 -5.59 8.12
CD NLE A 11 6.86 -6.26 6.85
CE NLE A 11 7.32 -5.26 5.77
H NLE A 11 3.43 -5.79 10.07
HA NLE A 11 5.18 -3.43 9.50
HB2 NLE A 11 4.25 -5.46 7.44
HB3 NLE A 11 5.21 -4.01 7.15
HG2 NLE A 11 7.05 -4.91 8.52
HG3 NLE A 11 6.11 -6.38 8.85
HD2 NLE A 11 7.72 -6.87 7.14
HD3 NLE A 11 6.10 -6.92 6.43
HE1 NLE A 11 6.45 -4.74 5.36
HE2 NLE A 11 8.01 -4.55 6.20
HE3 NLE A 11 7.80 -5.81 4.97
N VAL A 12 2.21 -3.25 9.77
CA VAL A 12 0.99 -2.42 9.78
C VAL A 12 0.23 -2.31 8.45
N ALA A 13 0.18 -3.41 7.69
CA ALA A 13 -0.44 -3.50 6.36
C ALA A 13 0.15 -2.51 5.30
N VAL A 14 1.43 -2.18 5.41
CA VAL A 14 2.16 -1.23 4.53
C VAL A 14 1.92 -1.44 3.02
N ALA A 15 1.69 -2.67 2.57
CA ALA A 15 1.38 -3.01 1.18
C ALA A 15 0.15 -2.25 0.62
N LEU A 16 -0.87 -1.97 1.43
CA LEU A 16 -2.04 -1.16 1.04
C LEU A 16 -1.64 0.29 0.74
N TYR A 17 -0.88 0.90 1.66
CA TYR A 17 -0.40 2.28 1.54
C TYR A 17 0.61 2.45 0.41
N ALA A 18 1.48 1.45 0.18
CA ALA A 18 2.37 1.37 -0.96
C ALA A 18 1.60 1.28 -2.29
N TYR A 19 0.66 0.33 -2.43
CA TYR A 19 -0.19 0.21 -3.63
C TYR A 19 -0.95 1.51 -3.94
N GLY A 20 -1.40 2.23 -2.90
CA GLY A 20 -2.05 3.54 -2.98
C GLY A 20 -1.20 4.70 -3.51
N LEU A 21 0.06 4.48 -3.89
CA LEU A 21 0.92 5.46 -4.59
C LEU A 21 1.91 4.86 -5.59
N ABA A 22 2.15 3.54 -5.56
CA ABA A 22 2.88 2.77 -6.57
C ABA A 22 1.97 2.27 -7.72
O ABA A 22 2.46 1.95 -8.80
CB ABA A 22 3.58 1.58 -5.91
CG ABA A 22 4.68 2.00 -4.91
H ABA A 22 1.80 3.02 -4.76
HA ABA A 22 3.65 3.41 -7.03
HB3 ABA A 22 4.06 0.97 -6.69
HB2 ABA A 22 2.85 0.95 -5.40
HG1 ABA A 22 5.44 2.58 -5.43
HG3 ABA A 22 5.14 1.11 -4.49
HG2 ABA A 22 4.25 2.60 -4.12
N PHE A 23 0.64 2.26 -7.51
CA PHE A 23 -0.37 1.88 -8.49
C PHE A 23 -1.55 2.86 -8.54
N ARG A 24 -2.09 3.27 -7.38
CA ARG A 24 -3.26 4.16 -7.18
C ARG A 24 -4.44 3.90 -8.15
N LEU A 25 -4.65 2.62 -8.50
CA LEU A 25 -5.57 2.15 -9.54
C LEU A 25 -7.07 2.27 -9.13
N NLE A 26 -7.34 2.38 -7.84
CA NLE A 26 -8.67 2.55 -7.21
C NLE A 26 -8.56 3.37 -5.92
O NLE A 26 -7.47 3.54 -5.38
CB NLE A 26 -9.30 1.17 -6.97
CG NLE A 26 -8.54 0.30 -5.95
CD NLE A 26 -9.19 -1.07 -5.71
CE NLE A 26 -9.11 -2.01 -6.92
H NLE A 26 -6.56 2.39 -7.20
HA NLE A 26 -9.31 3.10 -7.92
HB2 NLE A 26 -10.33 1.31 -6.61
HB3 NLE A 26 -9.37 0.64 -7.92
HG2 NLE A 26 -7.51 0.14 -6.30
HG3 NLE A 26 -8.49 0.82 -4.99
HD2 NLE A 26 -8.67 -1.55 -4.88
HD3 NLE A 26 -10.22 -0.94 -5.43
HE1 NLE A 26 -9.50 -2.99 -6.64
HE2 NLE A 26 -9.71 -1.62 -7.75
HE3 NLE A 26 -8.07 -2.12 -7.23
N GLY A 27 -9.70 3.88 -5.42
CA GLY A 27 -9.72 4.81 -4.28
C GLY A 27 -10.98 4.80 -3.39
N ALA A 28 -11.98 3.96 -3.68
CA ALA A 28 -13.19 3.84 -2.87
C ALA A 28 -12.97 3.21 -1.47
N SER A 29 -11.84 2.52 -1.27
CA SER A 29 -11.54 1.71 -0.07
C SER A 29 -10.08 1.81 0.41
N GLY A 30 -9.33 2.82 -0.05
CA GLY A 30 -7.92 3.00 0.31
C GLY A 30 -7.26 4.27 -0.25
N PRO A 31 -6.00 4.55 0.12
CA PRO A 31 -5.25 5.74 -0.32
C PRO A 31 -5.06 5.76 -1.84
N ASN A 32 -5.15 6.96 -2.43
CA ASN A 32 -5.16 7.16 -3.88
C ASN A 32 -4.73 8.58 -4.35
N LYS A 33 -4.28 9.45 -3.42
CA LYS A 33 -4.03 10.89 -3.65
C LYS A 33 -2.53 11.25 -3.69
N LYS A 34 -1.67 10.26 -3.88
CA LYS A 34 -0.20 10.35 -3.96
C LYS A 34 0.34 9.50 -5.12
N GLU A 35 1.57 9.78 -5.53
CA GLU A 35 2.32 9.02 -6.53
C GLU A 35 3.81 8.91 -6.12
N SER A 36 4.50 7.88 -6.63
CA SER A 36 5.91 7.61 -6.31
C SER A 36 6.87 8.74 -6.75
N ARG A 37 7.94 8.95 -5.97
CA ARG A 37 8.96 10.01 -6.15
C ARG A 37 10.39 9.46 -5.94
N GLY A 38 11.40 10.29 -6.19
CA GLY A 38 12.82 9.95 -6.02
C GLY A 38 13.75 11.18 -6.00
N ARG A 39 15.06 10.92 -5.80
CA ARG A 39 16.12 11.93 -5.57
C ARG A 39 17.37 11.73 -6.44
N GLY A 40 17.28 10.93 -7.51
CA GLY A 40 18.38 10.68 -8.45
C GLY A 40 18.09 9.66 -9.56
N NH2 A 41 17.13 8.77 -9.38
HN1 NH2 A 41 16.65 8.71 -8.49
HN2 NH2 A 41 16.92 8.11 -10.12
N VAL A 1 2.59 -20.42 0.97
CA VAL A 1 1.85 -19.22 1.48
C VAL A 1 1.21 -19.50 2.84
N VAL A 2 0.98 -18.45 3.64
CA VAL A 2 0.35 -18.48 4.98
C VAL A 2 -0.77 -17.44 5.12
N PHE A 3 -1.40 -17.09 3.99
CA PHE A 3 -2.41 -16.02 3.82
C PHE A 3 -1.99 -14.65 4.41
N TYR A 4 -0.69 -14.37 4.39
CA TYR A 4 -0.05 -13.08 4.74
C TYR A 4 -0.39 -12.53 6.15
N VAL A 5 -0.72 -13.39 7.11
CA VAL A 5 -1.09 -12.99 8.48
C VAL A 5 -0.02 -12.14 9.19
N ALA A 6 1.27 -12.43 8.96
CA ALA A 6 2.38 -11.64 9.49
C ALA A 6 2.43 -10.23 8.88
N LEU A 7 2.37 -10.12 7.55
CA LEU A 7 2.32 -8.84 6.83
C LEU A 7 1.14 -7.99 7.32
N THR A 8 -0.03 -8.62 7.50
CA THR A 8 -1.27 -7.99 7.98
C THR A 8 -1.17 -7.43 9.41
N ALA A 9 -0.25 -7.93 10.26
CA ALA A 9 -0.20 -7.63 11.69
C ALA A 9 1.13 -7.01 12.14
N VAL A 10 2.27 -7.71 12.02
CA VAL A 10 3.60 -7.19 12.43
C VAL A 10 4.24 -6.24 11.40
N NLE A 11 3.61 -6.10 10.23
CA NLE A 11 3.89 -5.04 9.24
C NLE A 11 2.62 -4.20 8.90
O NLE A 11 2.59 -3.51 7.89
CB NLE A 11 4.52 -5.63 7.96
CG NLE A 11 5.81 -6.44 8.20
CD NLE A 11 6.36 -7.09 6.92
CE NLE A 11 6.78 -6.09 5.83
H NLE A 11 2.86 -6.74 10.02
HA NLE A 11 4.61 -4.35 9.66
HB2 NLE A 11 3.80 -6.25 7.45
HB3 NLE A 11 4.77 -4.80 7.30
HG2 NLE A 11 6.57 -5.78 8.63
HG3 NLE A 11 5.60 -7.24 8.91
HD2 NLE A 11 7.24 -7.68 7.19
HD3 NLE A 11 5.61 -7.76 6.51
HE1 NLE A 11 5.90 -5.57 5.44
HE2 NLE A 11 7.48 -5.36 6.25
HE3 NLE A 11 7.25 -6.62 5.02
N VAL A 12 1.59 -4.27 9.76
CA VAL A 12 0.33 -3.51 9.72
C VAL A 12 -0.30 -3.31 8.33
N ALA A 13 -0.23 -4.34 7.47
CA ALA A 13 -0.68 -4.34 6.08
C ALA A 13 -0.10 -3.18 5.21
N VAL A 14 1.15 -2.78 5.46
CA VAL A 14 1.85 -1.65 4.80
C VAL A 14 1.74 -1.62 3.26
N ALA A 15 1.64 -2.80 2.63
CA ALA A 15 1.43 -2.95 1.19
C ALA A 15 0.20 -2.21 0.64
N LEU A 16 -0.85 -1.99 1.45
CA LEU A 16 -2.03 -1.20 1.08
C LEU A 16 -1.69 0.25 0.73
N TYR A 17 -0.93 0.91 1.61
CA TYR A 17 -0.52 2.31 1.44
C TYR A 17 0.55 2.46 0.35
N ALA A 18 1.42 1.45 0.19
CA ALA A 18 2.37 1.36 -0.92
C ALA A 18 1.65 1.26 -2.29
N TYR A 19 0.70 0.33 -2.45
CA TYR A 19 -0.15 0.23 -3.64
C TYR A 19 -0.91 1.55 -3.92
N GLY A 20 -1.35 2.23 -2.85
CA GLY A 20 -1.98 3.56 -2.88
C GLY A 20 -1.14 4.72 -3.43
N LEU A 21 0.11 4.49 -3.86
CA LEU A 21 0.94 5.46 -4.59
C LEU A 21 1.86 4.84 -5.67
N ABA A 22 2.16 3.54 -5.59
CA ABA A 22 2.85 2.76 -6.63
C ABA A 22 1.91 2.29 -7.75
O ABA A 22 2.38 1.94 -8.84
CB ABA A 22 3.57 1.56 -5.99
CG ABA A 22 4.70 1.99 -5.05
H ABA A 22 1.90 3.04 -4.74
HA ABA A 22 3.61 3.41 -7.10
HB3 ABA A 22 4.01 0.95 -6.79
HB2 ABA A 22 2.86 0.95 -5.45
HG1 ABA A 22 5.43 2.60 -5.59
HG3 ABA A 22 5.20 1.10 -4.66
HG2 ABA A 22 4.31 2.57 -4.21
N PHE A 23 0.59 2.31 -7.52
CA PHE A 23 -0.44 1.93 -8.49
C PHE A 23 -1.61 2.94 -8.51
N ARG A 24 -2.14 3.33 -7.35
CA ARG A 24 -3.26 4.28 -7.15
C ARG A 24 -4.44 4.13 -8.12
N LEU A 25 -4.71 2.89 -8.55
CA LEU A 25 -5.66 2.52 -9.60
C LEU A 25 -7.14 2.71 -9.22
N NLE A 26 -7.45 2.70 -7.92
CA NLE A 26 -8.80 2.72 -7.35
C NLE A 26 -8.80 3.45 -5.99
O NLE A 26 -7.80 3.44 -5.28
CB NLE A 26 -9.32 1.29 -7.23
CG NLE A 26 -8.48 0.37 -6.31
CD NLE A 26 -8.89 -1.10 -6.36
CE NLE A 26 -8.50 -1.79 -7.68
H NLE A 26 -6.69 2.60 -7.27
HA NLE A 26 -9.45 3.28 -8.02
HB2 NLE A 26 -10.35 1.31 -6.86
HB3 NLE A 26 -9.35 0.86 -8.24
HG2 NLE A 26 -7.42 0.45 -6.57
HG3 NLE A 26 -8.61 0.72 -5.28
HD2 NLE A 26 -8.39 -1.63 -5.55
HD3 NLE A 26 -9.97 -1.20 -6.22
HE1 NLE A 26 -9.06 -1.37 -8.52
HE2 NLE A 26 -7.43 -1.67 -7.86
HE3 NLE A 26 -8.72 -2.85 -7.61
N GLY A 27 -9.93 4.08 -5.65
CA GLY A 27 -10.05 4.97 -4.48
C GLY A 27 -11.40 4.96 -3.75
N ALA A 28 -12.34 4.11 -4.17
CA ALA A 28 -13.64 3.94 -3.49
C ALA A 28 -13.53 3.27 -2.10
N SER A 29 -12.39 2.63 -1.79
CA SER A 29 -12.22 1.75 -0.63
C SER A 29 -10.87 1.92 0.11
N GLY A 30 -10.00 2.86 -0.27
CA GLY A 30 -8.69 3.03 0.34
C GLY A 30 -7.76 4.08 -0.30
N PRO A 31 -6.49 4.16 0.18
CA PRO A 31 -5.45 5.10 -0.28
C PRO A 31 -5.33 5.25 -1.80
N ASN A 32 -5.37 6.50 -2.28
CA ASN A 32 -5.31 6.86 -3.71
C ASN A 32 -4.79 8.28 -4.02
N LYS A 33 -4.45 9.08 -3.00
CA LYS A 33 -4.22 10.54 -3.11
C LYS A 33 -2.74 10.93 -3.26
N LYS A 34 -1.87 9.97 -3.59
CA LYS A 34 -0.41 10.13 -3.75
C LYS A 34 0.09 9.35 -4.98
N GLU A 35 1.31 9.67 -5.41
CA GLU A 35 2.03 9.00 -6.51
C GLU A 35 3.52 8.81 -6.13
N SER A 36 4.23 7.93 -6.84
CA SER A 36 5.65 7.64 -6.60
C SER A 36 6.56 8.85 -6.86
N ARG A 37 7.61 9.00 -6.03
CA ARG A 37 8.60 10.11 -6.03
C ARG A 37 10.03 9.59 -5.82
N GLY A 38 11.02 10.48 -5.91
CA GLY A 38 12.44 10.18 -5.67
C GLY A 38 13.33 11.41 -5.55
N ARG A 39 14.62 11.20 -5.29
CA ARG A 39 15.64 12.23 -5.01
C ARG A 39 16.93 12.10 -5.85
N GLY A 40 16.92 11.24 -6.88
CA GLY A 40 18.06 11.03 -7.78
C GLY A 40 17.91 9.88 -8.80
N NH2 A 41 17.04 8.92 -8.54
HN1 NH2 A 41 16.54 8.90 -7.66
HN2 NH2 A 41 16.93 8.17 -9.21
N VAL A 1 1.57 -20.32 1.24
CA VAL A 1 0.96 -19.02 1.66
C VAL A 1 0.65 -19.01 3.16
N VAL A 2 0.54 -17.81 3.75
CA VAL A 2 0.15 -17.58 5.17
C VAL A 2 -1.01 -16.56 5.28
N PHE A 3 -1.74 -16.34 4.18
CA PHE A 3 -2.76 -15.31 3.99
C PHE A 3 -2.38 -13.89 4.49
N TYR A 4 -1.08 -13.56 4.37
CA TYR A 4 -0.47 -12.26 4.64
C TYR A 4 -0.66 -11.69 6.07
N VAL A 5 -1.04 -12.51 7.05
CA VAL A 5 -1.38 -12.07 8.41
C VAL A 5 -0.28 -11.26 9.12
N ALA A 6 0.99 -11.60 8.89
CA ALA A 6 2.14 -10.85 9.41
C ALA A 6 2.29 -9.47 8.73
N LEU A 7 2.16 -9.41 7.39
CA LEU A 7 2.22 -8.17 6.62
C LEU A 7 1.14 -7.18 7.09
N THR A 8 -0.08 -7.68 7.30
CA THR A 8 -1.24 -6.91 7.80
C THR A 8 -1.09 -6.42 9.26
N ALA A 9 -0.13 -6.95 10.04
CA ALA A 9 -0.01 -6.69 11.48
C ALA A 9 1.37 -6.15 11.91
N VAL A 10 2.44 -6.96 11.86
CA VAL A 10 3.80 -6.54 12.25
C VAL A 10 4.49 -5.63 11.22
N NLE A 11 3.94 -5.54 10.01
CA NLE A 11 4.27 -4.51 8.99
C NLE A 11 3.07 -3.57 8.71
O NLE A 11 3.01 -2.92 7.68
CB NLE A 11 4.80 -5.17 7.70
CG NLE A 11 6.06 -6.02 7.92
CD NLE A 11 6.58 -6.67 6.63
CE NLE A 11 7.03 -5.68 5.56
H NLE A 11 3.20 -6.20 9.79
HA NLE A 11 5.06 -3.89 9.39
HB2 NLE A 11 4.02 -5.79 7.27
HB3 NLE A 11 5.03 -4.37 7.00
HG2 NLE A 11 6.85 -5.39 8.34
HG3 NLE A 11 5.85 -6.81 8.63
HD2 NLE A 11 7.43 -7.31 6.89
HD3 NLE A 11 5.80 -7.31 6.21
HE1 NLE A 11 6.17 -5.12 5.16
HE2 NLE A 11 7.76 -4.97 5.98
HE3 NLE A 11 7.49 -6.21 4.73
N VAL A 12 2.11 -3.50 9.66
CA VAL A 12 0.97 -2.56 9.70
C VAL A 12 0.19 -2.36 8.38
N ALA A 13 0.08 -3.42 7.57
CA ALA A 13 -0.52 -3.42 6.24
C ALA A 13 0.11 -2.41 5.26
N VAL A 14 1.42 -2.13 5.37
CA VAL A 14 2.18 -1.20 4.53
C VAL A 14 1.97 -1.40 3.01
N ALA A 15 1.74 -2.64 2.57
CA ALA A 15 1.43 -2.97 1.17
C ALA A 15 0.19 -2.24 0.61
N LEU A 16 -0.83 -1.97 1.45
CA LEU A 16 -2.02 -1.20 1.05
C LEU A 16 -1.67 0.26 0.71
N TYR A 17 -0.93 0.91 1.60
CA TYR A 17 -0.50 2.30 1.44
C TYR A 17 0.56 2.46 0.34
N ALA A 18 1.42 1.45 0.17
CA ALA A 18 2.34 1.35 -0.97
C ALA A 18 1.59 1.23 -2.30
N TYR A 19 0.63 0.31 -2.44
CA TYR A 19 -0.23 0.22 -3.63
C TYR A 19 -0.97 1.55 -3.91
N GLY A 20 -1.40 2.24 -2.85
CA GLY A 20 -2.01 3.57 -2.89
C GLY A 20 -1.14 4.73 -3.41
N LEU A 21 0.11 4.47 -3.84
CA LEU A 21 0.95 5.43 -4.55
C LEU A 21 1.82 4.80 -5.67
N ABA A 22 2.21 3.54 -5.54
CA ABA A 22 2.91 2.76 -6.56
C ABA A 22 1.98 2.27 -7.70
O ABA A 22 2.46 1.91 -8.77
CB ABA A 22 3.63 1.56 -5.93
CG ABA A 22 4.73 1.98 -4.94
H ABA A 22 2.02 3.06 -4.66
HA ABA A 22 3.66 3.40 -7.03
HB3 ABA A 22 4.09 0.97 -6.71
HB2 ABA A 22 2.90 0.93 -5.40
HG1 ABA A 22 5.46 2.61 -5.45
HG3 ABA A 22 5.23 1.09 -4.55
HG2 ABA A 22 4.31 2.53 -4.10
N PHE A 23 0.66 2.30 -7.48
CA PHE A 23 -0.37 1.96 -8.47
C PHE A 23 -1.51 2.97 -8.51
N ARG A 24 -2.05 3.39 -7.34
CA ARG A 24 -3.16 4.36 -7.16
C ARG A 24 -4.32 4.22 -8.16
N LEU A 25 -4.61 2.97 -8.54
CA LEU A 25 -5.48 2.60 -9.68
C LEU A 25 -6.98 2.80 -9.40
N NLE A 26 -7.36 2.87 -8.11
CA NLE A 26 -8.73 3.05 -7.61
C NLE A 26 -8.71 3.77 -6.24
O NLE A 26 -7.68 3.77 -5.56
CB NLE A 26 -9.43 1.68 -7.52
CG NLE A 26 -8.74 0.68 -6.57
CD NLE A 26 -9.46 -0.67 -6.46
CE NLE A 26 -9.44 -1.48 -7.77
H NLE A 26 -6.64 2.81 -7.42
HA NLE A 26 -9.29 3.68 -8.31
HB2 NLE A 26 -10.45 1.82 -7.17
HB3 NLE A 26 -9.47 1.25 -8.52
HG2 NLE A 26 -7.72 0.50 -6.90
HG3 NLE A 26 -8.69 1.10 -5.57
HD2 NLE A 26 -8.97 -1.27 -5.69
HD3 NLE A 26 -10.49 -0.51 -6.16
HE1 NLE A 26 -10.03 -0.98 -8.53
HE2 NLE A 26 -8.42 -1.60 -8.12
HE3 NLE A 26 -9.88 -2.46 -7.58
N GLY A 27 -9.85 4.34 -5.83
CA GLY A 27 -9.96 5.15 -4.61
C GLY A 27 -11.28 5.05 -3.84
N ALA A 28 -12.25 4.26 -4.32
CA ALA A 28 -13.52 4.01 -3.62
C ALA A 28 -13.37 3.14 -2.34
N SER A 29 -12.24 2.45 -2.18
CA SER A 29 -12.02 1.41 -1.15
C SER A 29 -10.62 1.43 -0.51
N GLY A 30 -9.80 2.48 -0.76
CA GLY A 30 -8.42 2.55 -0.26
C GLY A 30 -7.65 3.84 -0.63
N PRO A 31 -6.39 3.96 -0.18
CA PRO A 31 -5.55 5.14 -0.40
C PRO A 31 -5.25 5.36 -1.89
N ASN A 32 -5.23 6.63 -2.32
CA ASN A 32 -5.21 7.00 -3.75
C ASN A 32 -4.65 8.42 -4.05
N LYS A 33 -4.11 9.13 -3.05
CA LYS A 33 -3.84 10.58 -3.11
C LYS A 33 -2.36 10.97 -3.31
N LYS A 34 -1.50 9.98 -3.61
CA LYS A 34 -0.03 10.13 -3.76
C LYS A 34 0.48 9.34 -4.97
N GLU A 35 1.73 9.56 -5.37
CA GLU A 35 2.41 8.86 -6.46
C GLU A 35 3.91 8.61 -6.12
N SER A 36 4.54 7.62 -6.77
CA SER A 36 5.97 7.31 -6.64
C SER A 36 6.89 8.51 -6.95
N ARG A 37 8.02 8.60 -6.24
CA ARG A 37 9.07 9.64 -6.39
C ARG A 37 10.48 9.03 -6.28
N GLY A 38 11.52 9.84 -6.51
CA GLY A 38 12.93 9.45 -6.38
C GLY A 38 13.89 10.65 -6.32
N ARG A 39 15.19 10.36 -6.11
CA ARG A 39 16.25 11.36 -5.85
C ARG A 39 17.53 11.21 -6.70
N GLY A 40 17.54 10.28 -7.66
CA GLY A 40 18.70 10.03 -8.54
C GLY A 40 18.48 9.05 -9.70
N NH2 A 41 17.26 8.59 -9.95
HN1 NH2 A 41 16.48 8.88 -9.41
HN2 NH2 A 41 17.14 7.94 -10.72
N VAL A 1 2.58 -20.25 1.83
CA VAL A 1 1.70 -19.11 2.23
C VAL A 1 1.16 -19.29 3.65
N VAL A 2 0.91 -18.17 4.34
CA VAL A 2 0.34 -18.10 5.71
C VAL A 2 -0.79 -17.05 5.83
N PHE A 3 -1.46 -16.76 4.70
CA PHE A 3 -2.45 -15.68 4.53
C PHE A 3 -1.96 -14.31 5.07
N TYR A 4 -0.66 -14.03 4.92
CA TYR A 4 0.02 -12.75 5.19
C TYR A 4 -0.14 -12.20 6.63
N VAL A 5 -0.52 -13.03 7.60
CA VAL A 5 -0.91 -12.58 8.97
C VAL A 5 0.11 -11.67 9.68
N ALA A 6 1.41 -11.89 9.48
CA ALA A 6 2.45 -11.01 10.02
C ALA A 6 2.51 -9.64 9.30
N LEU A 7 2.47 -9.63 7.97
CA LEU A 7 2.44 -8.42 7.14
C LEU A 7 1.23 -7.53 7.52
N THR A 8 0.06 -8.14 7.66
CA THR A 8 -1.20 -7.48 8.04
C THR A 8 -1.24 -6.99 9.50
N ALA A 9 -0.24 -7.31 10.34
CA ALA A 9 -0.21 -7.00 11.77
C ALA A 9 1.07 -6.29 12.24
N VAL A 10 2.22 -6.97 12.30
CA VAL A 10 3.50 -6.37 12.75
C VAL A 10 4.14 -5.43 11.72
N NLE A 11 3.67 -5.47 10.46
CA NLE A 11 3.98 -4.49 9.40
C NLE A 11 2.72 -3.69 8.99
O NLE A 11 2.70 -3.07 7.92
CB NLE A 11 4.63 -5.18 8.19
CG NLE A 11 5.92 -5.95 8.53
CD NLE A 11 6.51 -6.71 7.34
CE NLE A 11 6.95 -5.81 6.17
H NLE A 11 3.03 -6.23 10.23
HA NLE A 11 4.70 -3.77 9.79
HB2 NLE A 11 3.92 -5.86 7.72
HB3 NLE A 11 4.89 -4.40 7.46
HG2 NLE A 11 6.67 -5.25 8.92
HG3 NLE A 11 5.71 -6.68 9.31
HD2 NLE A 11 7.38 -7.27 7.69
HD3 NLE A 11 5.78 -7.43 6.97
HE1 NLE A 11 6.08 -5.35 5.72
HE2 NLE A 11 7.63 -5.04 6.53
HE3 NLE A 11 7.46 -6.41 5.42
N VAL A 12 1.68 -3.68 9.84
CA VAL A 12 0.44 -2.88 9.75
C VAL A 12 -0.19 -2.77 8.35
N ALA A 13 -0.13 -3.84 7.56
CA ALA A 13 -0.61 -3.92 6.18
C ALA A 13 -0.01 -2.85 5.23
N VAL A 14 1.28 -2.51 5.41
CA VAL A 14 2.04 -1.54 4.61
C VAL A 14 1.87 -1.64 3.09
N ALA A 15 1.61 -2.85 2.57
CA ALA A 15 1.31 -3.10 1.16
C ALA A 15 0.14 -2.26 0.60
N LEU A 16 -0.90 -1.98 1.39
CA LEU A 16 -2.03 -1.12 1.01
C LEU A 16 -1.57 0.31 0.73
N TYR A 17 -0.82 0.88 1.68
CA TYR A 17 -0.35 2.27 1.62
C TYR A 17 0.75 2.48 0.56
N ALA A 18 1.52 1.44 0.25
CA ALA A 18 2.40 1.40 -0.92
C ALA A 18 1.61 1.33 -2.23
N TYR A 19 0.68 0.39 -2.39
CA TYR A 19 -0.16 0.25 -3.60
C TYR A 19 -0.92 1.54 -3.94
N GLY A 20 -1.40 2.25 -2.91
CA GLY A 20 -2.09 3.54 -3.02
C GLY A 20 -1.26 4.72 -3.56
N LEU A 21 0.00 4.51 -3.94
CA LEU A 21 0.82 5.47 -4.69
C LEU A 21 1.72 4.83 -5.77
N ABA A 22 2.15 3.57 -5.56
CA ABA A 22 2.94 2.79 -6.53
C ABA A 22 2.08 2.20 -7.67
O ABA A 22 2.62 1.83 -8.71
CB ABA A 22 3.69 1.67 -5.79
CG ABA A 22 4.74 2.21 -4.81
H ABA A 22 1.97 3.14 -4.66
HA ABA A 22 3.66 3.45 -7.00
HB3 ABA A 22 4.22 1.06 -6.53
HB2 ABA A 22 2.99 1.03 -5.26
HG1 ABA A 22 5.44 2.85 -5.33
HG3 ABA A 22 5.27 1.38 -4.35
HG2 ABA A 22 4.26 2.79 -4.02
N PHE A 23 0.74 2.17 -7.49
CA PHE A 23 -0.23 1.83 -8.53
C PHE A 23 -1.28 2.93 -8.68
N ARG A 24 -1.96 3.32 -7.58
CA ARG A 24 -3.09 4.28 -7.53
C ARG A 24 -4.13 4.14 -8.67
N LEU A 25 -4.28 2.93 -9.19
CA LEU A 25 -5.13 2.56 -10.34
C LEU A 25 -6.64 2.68 -10.06
N NLE A 26 -7.02 2.76 -8.78
CA NLE A 26 -8.36 2.86 -8.23
C NLE A 26 -8.34 3.66 -6.92
O NLE A 26 -7.29 3.79 -6.28
CB NLE A 26 -8.93 1.44 -8.04
CG NLE A 26 -8.11 0.57 -7.07
CD NLE A 26 -8.63 -0.87 -6.94
CE NLE A 26 -8.44 -1.70 -8.22
H NLE A 26 -6.26 2.75 -8.10
HA NLE A 26 -8.99 3.39 -8.95
HB2 NLE A 26 -9.96 1.52 -7.66
HB3 NLE A 26 -8.98 0.96 -9.01
HG2 NLE A 26 -7.07 0.53 -7.39
HG3 NLE A 26 -8.14 1.03 -6.07
HD2 NLE A 26 -8.08 -1.36 -6.14
HD3 NLE A 26 -9.69 -0.85 -6.67
HE1 NLE A 26 -9.08 -1.32 -9.02
HE2 NLE A 26 -7.40 -1.67 -8.53
HE3 NLE A 26 -8.73 -2.73 -8.02
N GLY A 27 -9.50 4.18 -6.50
CA GLY A 27 -9.61 5.07 -5.33
C GLY A 27 -10.93 5.01 -4.54
N ALA A 28 -11.92 4.23 -4.99
CA ALA A 28 -13.17 4.01 -4.28
C ALA A 28 -13.03 3.21 -2.96
N SER A 29 -11.89 2.53 -2.76
CA SER A 29 -11.65 1.56 -1.67
C SER A 29 -10.24 1.66 -1.06
N GLY A 30 -9.47 2.72 -1.33
CA GLY A 30 -8.10 2.87 -0.82
C GLY A 30 -7.40 4.21 -1.20
N PRO A 31 -6.18 4.45 -0.69
CA PRO A 31 -5.41 5.66 -1.00
C PRO A 31 -5.14 5.79 -2.50
N ASN A 32 -5.13 7.03 -3.02
CA ASN A 32 -5.07 7.31 -4.47
C ASN A 32 -4.53 8.70 -4.86
N LYS A 33 -3.89 9.43 -3.91
CA LYS A 33 -3.57 10.88 -4.03
C LYS A 33 -2.06 11.19 -3.94
N LYS A 34 -1.21 10.19 -4.21
CA LYS A 34 0.26 10.29 -4.29
C LYS A 34 0.79 9.46 -5.47
N GLU A 35 2.06 9.65 -5.82
CA GLU A 35 2.78 8.92 -6.89
C GLU A 35 4.24 8.65 -6.48
N SER A 36 4.86 7.62 -7.06
CA SER A 36 6.25 7.19 -6.77
C SER A 36 7.30 8.30 -6.99
N ARG A 37 8.37 8.30 -6.19
CA ARG A 37 9.46 9.30 -6.17
C ARG A 37 10.85 8.66 -5.98
N GLY A 38 11.91 9.47 -6.09
CA GLY A 38 13.31 9.10 -5.84
C GLY A 38 14.24 10.33 -5.75
N ARG A 39 15.54 10.10 -5.52
CA ARG A 39 16.57 11.14 -5.30
C ARG A 39 17.83 10.99 -6.18
N GLY A 40 17.80 10.13 -7.21
CA GLY A 40 18.94 9.91 -8.12
C GLY A 40 18.70 8.93 -9.28
N NH2 A 41 17.66 8.10 -9.23
HN1 NH2 A 41 17.07 8.07 -8.42
HN2 NH2 A 41 17.51 7.47 -9.99
N VAL A 1 4.24 -20.26 3.66
CA VAL A 1 3.13 -19.27 3.64
C VAL A 1 2.42 -19.19 5.00
N VAL A 2 1.94 -17.99 5.36
CA VAL A 2 1.13 -17.72 6.58
C VAL A 2 -0.11 -16.86 6.26
N PHE A 3 -0.57 -16.89 5.00
CA PHE A 3 -1.63 -16.03 4.43
C PHE A 3 -1.45 -14.52 4.74
N TYR A 4 -0.19 -14.08 4.83
CA TYR A 4 0.26 -12.69 5.08
C TYR A 4 -0.29 -12.01 6.35
N VAL A 5 -0.74 -12.78 7.36
CA VAL A 5 -1.25 -12.22 8.63
C VAL A 5 -0.22 -11.37 9.37
N ALA A 6 1.07 -11.71 9.27
CA ALA A 6 2.17 -10.93 9.85
C ALA A 6 2.31 -9.55 9.17
N LEU A 7 2.31 -9.51 7.82
CA LEU A 7 2.30 -8.27 7.05
C LEU A 7 1.09 -7.40 7.43
N THR A 8 -0.08 -8.02 7.56
CA THR A 8 -1.35 -7.39 7.93
C THR A 8 -1.35 -6.79 9.36
N ALA A 9 -0.46 -7.24 10.26
CA ALA A 9 -0.50 -6.89 11.69
C ALA A 9 0.81 -6.25 12.21
N VAL A 10 1.94 -6.98 12.23
CA VAL A 10 3.23 -6.45 12.73
C VAL A 10 3.93 -5.51 11.74
N NLE A 11 3.44 -5.43 10.50
CA NLE A 11 3.79 -4.40 9.50
C NLE A 11 2.56 -3.55 9.08
O NLE A 11 2.58 -2.90 8.04
CB NLE A 11 4.48 -5.04 8.27
CG NLE A 11 5.74 -5.85 8.61
CD NLE A 11 6.37 -6.52 7.38
CE NLE A 11 6.89 -5.54 6.33
H NLE A 11 2.74 -6.11 10.24
HA NLE A 11 4.50 -3.70 9.94
HB2 NLE A 11 3.76 -5.67 7.75
HB3 NLE A 11 4.76 -4.23 7.59
HG2 NLE A 11 6.47 -5.20 9.08
HG3 NLE A 11 5.48 -6.64 9.32
HD2 NLE A 11 7.21 -7.13 7.73
HD3 NLE A 11 5.64 -7.19 6.92
HE1 NLE A 11 6.06 -5.01 5.86
HE2 NLE A 11 7.57 -4.83 6.80
HE3 NLE A 11 7.43 -6.10 5.56
N VAL A 12 1.50 -3.56 9.91
CA VAL A 12 0.25 -2.78 9.80
C VAL A 12 -0.32 -2.64 8.37
N ALA A 13 -0.24 -3.72 7.58
CA ALA A 13 -0.67 -3.78 6.18
C ALA A 13 -0.03 -2.71 5.27
N VAL A 14 1.26 -2.38 5.47
CA VAL A 14 2.02 -1.36 4.70
C VAL A 14 1.86 -1.46 3.17
N ALA A 15 1.69 -2.67 2.63
CA ALA A 15 1.43 -2.93 1.21
C ALA A 15 0.18 -2.21 0.65
N LEU A 16 -0.84 -1.95 1.48
CA LEU A 16 -2.04 -1.18 1.10
C LEU A 16 -1.68 0.27 0.73
N TYR A 17 -0.92 0.94 1.59
CA TYR A 17 -0.47 2.32 1.41
C TYR A 17 0.58 2.43 0.29
N ALA A 18 1.44 1.42 0.14
CA ALA A 18 2.37 1.30 -0.99
C ALA A 18 1.61 1.19 -2.33
N TYR A 19 0.64 0.28 -2.47
CA TYR A 19 -0.22 0.20 -3.66
C TYR A 19 -0.95 1.51 -3.94
N GLY A 20 -1.39 2.21 -2.88
CA GLY A 20 -2.03 3.53 -2.94
C GLY A 20 -1.17 4.70 -3.44
N LEU A 21 0.10 4.47 -3.81
CA LEU A 21 0.97 5.46 -4.49
C LEU A 21 1.90 4.87 -5.57
N ABA A 22 2.15 3.55 -5.56
CA ABA A 22 2.88 2.82 -6.60
C ABA A 22 1.96 2.31 -7.74
O ABA A 22 2.44 1.96 -8.81
CB ABA A 22 3.64 1.64 -5.99
CG ABA A 22 4.73 2.07 -5.00
H ABA A 22 1.84 3.02 -4.76
HA ABA A 22 3.61 3.48 -7.07
HB3 ABA A 22 4.12 1.07 -6.78
HB2 ABA A 22 2.94 0.98 -5.47
HG1 ABA A 22 5.44 2.72 -5.51
HG3 ABA A 22 5.26 1.19 -4.63
HG2 ABA A 22 4.30 2.61 -4.16
N PHE A 23 0.63 2.31 -7.51
CA PHE A 23 -0.38 1.88 -8.49
C PHE A 23 -1.57 2.84 -8.56
N ARG A 24 -2.18 3.19 -7.41
CA ARG A 24 -3.36 4.09 -7.26
C ARG A 24 -4.47 3.90 -8.31
N LEU A 25 -4.67 2.66 -8.75
CA LEU A 25 -5.56 2.26 -9.86
C LEU A 25 -7.06 2.35 -9.51
N NLE A 26 -7.40 2.30 -8.22
CA NLE A 26 -8.75 2.29 -7.67
C NLE A 26 -8.79 3.02 -6.32
O NLE A 26 -7.77 3.12 -5.64
CB NLE A 26 -9.25 0.83 -7.54
CG NLE A 26 -8.37 -0.05 -6.62
CD NLE A 26 -8.87 -1.50 -6.51
CE NLE A 26 -8.72 -2.29 -7.82
H NLE A 26 -6.64 2.24 -7.56
HA NLE A 26 -9.42 2.81 -8.35
HB2 NLE A 26 -10.27 0.84 -7.16
HB3 NLE A 26 -9.26 0.39 -8.54
HG2 NLE A 26 -7.35 -0.06 -6.98
HG3 NLE A 26 -8.38 0.37 -5.62
HD2 NLE A 26 -8.28 -2.00 -5.75
HD3 NLE A 26 -9.91 -1.51 -6.20
HE1 NLE A 26 -9.37 -1.90 -8.58
HE2 NLE A 26 -7.67 -2.25 -8.16
HE3 NLE A 26 -8.98 -3.34 -7.63
N GLY A 27 -9.97 3.52 -5.93
CA GLY A 27 -10.09 4.45 -4.79
C GLY A 27 -11.43 4.46 -4.05
N ALA A 28 -12.37 3.57 -4.37
CA ALA A 28 -13.67 3.46 -3.69
C ALA A 28 -13.57 2.96 -2.23
N SER A 29 -12.48 2.26 -1.88
CA SER A 29 -12.32 1.52 -0.60
C SER A 29 -10.90 1.56 -0.02
N GLY A 30 -10.02 2.46 -0.49
CA GLY A 30 -8.62 2.53 -0.05
C GLY A 30 -7.83 3.74 -0.55
N PRO A 31 -6.55 3.90 -0.12
CA PRO A 31 -5.71 5.05 -0.44
C PRO A 31 -5.42 5.16 -1.94
N ASN A 32 -5.53 6.36 -2.49
CA ASN A 32 -5.41 6.64 -3.93
C ASN A 32 -5.00 8.09 -4.27
N LYS A 33 -4.58 8.89 -3.26
CA LYS A 33 -4.40 10.36 -3.35
C LYS A 33 -2.93 10.81 -3.31
N LYS A 34 -2.00 9.88 -3.58
CA LYS A 34 -0.54 10.08 -3.64
C LYS A 34 0.04 9.35 -4.85
N GLU A 35 1.27 9.68 -5.23
CA GLU A 35 2.04 9.02 -6.30
C GLU A 35 3.52 8.89 -5.90
N SER A 36 4.26 8.00 -6.56
CA SER A 36 5.69 7.75 -6.30
C SER A 36 6.57 8.96 -6.62
N ARG A 37 7.62 9.17 -5.80
CA ARG A 37 8.57 10.30 -5.86
C ARG A 37 10.03 9.83 -5.73
N GLY A 38 10.98 10.75 -5.89
CA GLY A 38 12.42 10.49 -5.75
C GLY A 38 13.29 11.76 -5.76
N ARG A 39 14.61 11.57 -5.59
CA ARG A 39 15.62 12.64 -5.46
C ARG A 39 16.85 12.46 -6.38
N GLY A 40 16.76 11.55 -7.36
CA GLY A 40 17.83 11.32 -8.35
C GLY A 40 17.59 10.11 -9.29
N NH2 A 41 16.82 9.11 -8.86
HN1 NH2 A 41 16.46 9.11 -7.92
HN2 NH2 A 41 16.66 8.33 -9.47
N VAL A 1 3.58 -19.71 1.36
CA VAL A 1 2.67 -18.62 1.79
C VAL A 1 2.15 -18.84 3.22
N VAL A 2 1.84 -17.75 3.93
CA VAL A 2 1.25 -17.73 5.29
C VAL A 2 0.02 -16.80 5.38
N PHE A 3 -0.65 -16.58 4.24
CA PHE A 3 -1.73 -15.61 4.00
C PHE A 3 -1.44 -14.19 4.55
N TYR A 4 -0.16 -13.79 4.52
CA TYR A 4 0.35 -12.46 4.86
C TYR A 4 -0.04 -11.92 6.25
N VAL A 5 -0.35 -12.79 7.22
CA VAL A 5 -0.79 -12.40 8.58
C VAL A 5 0.21 -11.50 9.33
N ALA A 6 1.52 -11.75 9.18
CA ALA A 6 2.56 -10.93 9.78
C ALA A 6 2.68 -9.55 9.11
N LEU A 7 2.62 -9.50 7.77
CA LEU A 7 2.60 -8.25 6.99
C LEU A 7 1.41 -7.37 7.40
N THR A 8 0.24 -7.98 7.56
CA THR A 8 -1.01 -7.33 7.99
C THR A 8 -0.96 -6.78 9.42
N ALA A 9 -0.02 -7.25 10.26
CA ALA A 9 0.03 -6.94 11.70
C ALA A 9 1.32 -6.21 12.13
N VAL A 10 2.47 -6.90 12.17
CA VAL A 10 3.76 -6.30 12.60
C VAL A 10 4.41 -5.39 11.55
N NLE A 11 3.96 -5.46 10.29
CA NLE A 11 4.28 -4.50 9.22
C NLE A 11 3.06 -3.61 8.85
O NLE A 11 3.03 -3.01 7.79
CB NLE A 11 4.88 -5.18 7.99
CG NLE A 11 6.02 -6.18 8.32
CD NLE A 11 6.68 -6.80 7.08
CE NLE A 11 7.48 -5.80 6.24
H NLE A 11 3.31 -6.21 10.06
HA NLE A 11 5.04 -3.82 9.60
HB2 NLE A 11 4.11 -5.70 7.43
HB3 NLE A 11 5.29 -4.40 7.34
HG2 NLE A 11 6.79 -5.67 8.91
HG3 NLE A 11 5.61 -7.00 8.91
HD2 NLE A 11 7.36 -7.58 7.41
HD3 NLE A 11 5.91 -7.26 6.45
HE1 NLE A 11 6.81 -5.06 5.78
HE2 NLE A 11 8.21 -5.29 6.85
HE3 NLE A 11 8.00 -6.33 5.44
N VAL A 12 2.06 -3.54 9.75
CA VAL A 12 0.88 -2.67 9.72
C VAL A 12 0.15 -2.56 8.36
N ALA A 13 0.13 -3.65 7.59
CA ALA A 13 -0.42 -3.73 6.23
C ALA A 13 0.17 -2.68 5.26
N VAL A 14 1.47 -2.37 5.37
CA VAL A 14 2.21 -1.39 4.54
C VAL A 14 1.94 -1.50 3.03
N ALA A 15 1.70 -2.71 2.52
CA ALA A 15 1.35 -2.97 1.12
C ALA A 15 0.11 -2.21 0.62
N LEU A 16 -0.89 -1.94 1.49
CA LEU A 16 -2.08 -1.14 1.18
C LEU A 16 -1.69 0.30 0.78
N TYR A 17 -0.91 0.95 1.64
CA TYR A 17 -0.44 2.33 1.46
C TYR A 17 0.57 2.46 0.32
N ALA A 18 1.44 1.45 0.15
CA ALA A 18 2.38 1.36 -0.97
C ALA A 18 1.65 1.22 -2.32
N TYR A 19 0.70 0.29 -2.45
CA TYR A 19 -0.15 0.19 -3.65
C TYR A 19 -0.92 1.49 -3.92
N GLY A 20 -1.36 2.17 -2.87
CA GLY A 20 -2.01 3.48 -2.90
C GLY A 20 -1.16 4.67 -3.41
N LEU A 21 0.09 4.44 -3.82
CA LEU A 21 0.91 5.43 -4.55
C LEU A 21 1.77 4.84 -5.69
N ABA A 22 2.20 3.59 -5.57
CA ABA A 22 2.93 2.86 -6.62
C ABA A 22 2.01 2.33 -7.73
O ABA A 22 2.49 2.00 -8.82
CB ABA A 22 3.73 1.70 -6.00
CG ABA A 22 4.81 2.18 -5.02
H ABA A 22 2.04 3.09 -4.71
HA ABA A 22 3.64 3.54 -7.10
HB3 ABA A 22 4.22 1.14 -6.80
HB2 ABA A 22 3.05 1.02 -5.49
HG1 ABA A 22 5.49 2.85 -5.53
HG3 ABA A 22 5.37 1.31 -4.66
HG2 ABA A 22 4.36 2.68 -4.17
N PHE A 23 0.69 2.30 -7.50
CA PHE A 23 -0.33 1.89 -8.47
C PHE A 23 -1.52 2.88 -8.51
N ARG A 24 -2.03 3.30 -7.34
CA ARG A 24 -3.15 4.25 -7.14
C ARG A 24 -4.34 4.07 -8.11
N LEU A 25 -4.64 2.81 -8.45
CA LEU A 25 -5.51 2.41 -9.55
C LEU A 25 -7.03 2.52 -9.24
N NLE A 26 -7.40 2.51 -7.97
CA NLE A 26 -8.78 2.63 -7.46
C NLE A 26 -8.80 3.32 -6.09
O NLE A 26 -7.80 3.31 -5.36
CB NLE A 26 -9.44 1.24 -7.41
CG NLE A 26 -8.79 0.26 -6.41
CD NLE A 26 -9.40 -1.15 -6.46
CE NLE A 26 -9.01 -1.93 -7.73
H NLE A 26 -6.67 2.45 -7.27
HA NLE A 26 -9.34 3.26 -8.15
HB2 NLE A 26 -10.49 1.36 -7.15
HB3 NLE A 26 -9.39 0.82 -8.41
HG2 NLE A 26 -7.72 0.19 -6.60
HG3 NLE A 26 -8.94 0.65 -5.41
HD2 NLE A 26 -9.04 -1.71 -5.60
HD3 NLE A 26 -10.49 -1.08 -6.39
HE1 NLE A 26 -9.44 -1.45 -8.61
HE2 NLE A 26 -7.92 -1.97 -7.82
HE3 NLE A 26 -9.41 -2.94 -7.66
N GLY A 27 -9.94 3.92 -5.72
CA GLY A 27 -10.03 4.82 -4.56
C GLY A 27 -11.39 4.90 -3.84
N ALA A 28 -12.34 4.02 -4.17
CA ALA A 28 -13.66 3.98 -3.51
C ALA A 28 -13.61 3.56 -2.02
N SER A 29 -12.55 2.85 -1.61
CA SER A 29 -12.42 2.20 -0.28
C SER A 29 -11.00 2.20 0.29
N GLY A 30 -10.06 2.99 -0.26
CA GLY A 30 -8.65 2.97 0.14
C GLY A 30 -7.76 4.09 -0.43
N PRO A 31 -6.48 4.14 -0.05
CA PRO A 31 -5.55 5.23 -0.39
C PRO A 31 -5.27 5.30 -1.91
N ASN A 32 -5.30 6.52 -2.46
CA ASN A 32 -5.15 6.78 -3.90
C ASN A 32 -4.65 8.21 -4.25
N LYS A 33 -4.12 8.96 -3.27
CA LYS A 33 -3.91 10.42 -3.34
C LYS A 33 -2.43 10.85 -3.42
N LYS A 34 -1.53 9.91 -3.71
CA LYS A 34 -0.07 10.12 -3.86
C LYS A 34 0.46 9.35 -5.08
N GLU A 35 1.70 9.66 -5.48
CA GLU A 35 2.45 8.97 -6.54
C GLU A 35 3.94 8.86 -6.16
N SER A 36 4.69 7.97 -6.82
CA SER A 36 6.14 7.78 -6.63
C SER A 36 6.95 9.06 -6.92
N ARG A 37 8.05 9.29 -6.19
CA ARG A 37 8.92 10.48 -6.26
C ARG A 37 10.42 10.11 -6.26
N GLY A 38 11.30 11.09 -6.42
CA GLY A 38 12.76 10.93 -6.40
C GLY A 38 13.54 12.25 -6.23
N ARG A 39 14.87 12.16 -6.13
CA ARG A 39 15.79 13.28 -5.78
C ARG A 39 17.03 13.40 -6.70
N GLY A 40 17.10 12.65 -7.81
CA GLY A 40 18.24 12.68 -8.74
C GLY A 40 18.06 11.94 -10.07
N NH2 A 41 17.06 11.08 -10.21
HN1 NH2 A 41 16.45 10.87 -9.44
HN2 NH2 A 41 16.94 10.61 -11.10
N VAL A 1 0.60 -20.44 3.00
CA VAL A 1 -0.04 -19.12 3.29
C VAL A 1 -0.36 -18.96 4.78
N VAL A 2 -0.43 -17.71 5.26
CA VAL A 2 -0.84 -17.33 6.64
C VAL A 2 -1.95 -16.24 6.62
N PHE A 3 -2.63 -16.09 5.49
CA PHE A 3 -3.59 -15.02 5.16
C PHE A 3 -3.15 -13.59 5.54
N TYR A 4 -1.84 -13.34 5.47
CA TYR A 4 -1.18 -12.03 5.62
C TYR A 4 -1.43 -11.32 6.98
N VAL A 5 -1.85 -12.05 8.02
CA VAL A 5 -2.21 -11.46 9.33
C VAL A 5 -1.07 -10.70 10.00
N ALA A 6 0.19 -11.15 9.84
CA ALA A 6 1.36 -10.46 10.36
C ALA A 6 1.62 -9.13 9.62
N LEU A 7 1.59 -9.13 8.29
CA LEU A 7 1.71 -7.93 7.46
C LEU A 7 0.60 -6.92 7.83
N THR A 8 -0.62 -7.40 8.02
CA THR A 8 -1.80 -6.60 8.42
C THR A 8 -1.66 -5.94 9.81
N ALA A 9 -0.81 -6.47 10.71
CA ALA A 9 -0.76 -6.06 12.12
C ALA A 9 0.63 -5.54 12.57
N VAL A 10 1.68 -6.37 12.56
CA VAL A 10 3.05 -5.95 12.95
C VAL A 10 3.76 -5.12 11.87
N NLE A 11 3.19 -5.02 10.67
CA NLE A 11 3.59 -4.08 9.60
C NLE A 11 2.41 -3.19 9.16
O NLE A 11 2.45 -2.59 8.07
CB NLE A 11 4.22 -4.82 8.41
CG NLE A 11 5.38 -5.76 8.81
CD NLE A 11 6.04 -6.45 7.60
CE NLE A 11 6.84 -5.49 6.71
H NLE A 11 2.41 -5.64 10.49
HA NLE A 11 4.34 -3.41 10.00
HB2 NLE A 11 3.45 -5.40 7.90
HB3 NLE A 11 4.60 -4.07 7.72
HG2 NLE A 11 6.13 -5.19 9.36
HG3 NLE A 11 5.00 -6.54 9.46
HD2 NLE A 11 6.72 -7.20 7.98
HD3 NLE A 11 5.27 -6.94 7.00
HE1 NLE A 11 6.18 -4.77 6.23
HE2 NLE A 11 7.58 -4.96 7.31
HE3 NLE A 11 7.35 -6.06 5.94
N VAL A 12 1.36 -3.08 9.99
CA VAL A 12 0.15 -2.21 9.84
C VAL A 12 -0.42 -2.10 8.42
N ALA A 13 -0.44 -3.22 7.68
CA ALA A 13 -0.89 -3.32 6.29
C ALA A 13 -0.16 -2.39 5.29
N VAL A 14 1.14 -2.14 5.49
CA VAL A 14 1.99 -1.25 4.65
C VAL A 14 1.82 -1.45 3.14
N ALA A 15 1.58 -2.68 2.67
CA ALA A 15 1.33 -2.99 1.26
C ALA A 15 0.14 -2.24 0.64
N LEU A 16 -0.92 -1.96 1.41
CA LEU A 16 -2.07 -1.16 0.97
C LEU A 16 -1.67 0.28 0.65
N TYR A 17 -0.89 0.91 1.53
CA TYR A 17 -0.45 2.30 1.40
C TYR A 17 0.65 2.46 0.35
N ALA A 18 1.51 1.45 0.18
CA ALA A 18 2.45 1.36 -0.95
C ALA A 18 1.70 1.24 -2.28
N TYR A 19 0.74 0.32 -2.42
CA TYR A 19 -0.12 0.21 -3.62
C TYR A 19 -0.90 1.50 -3.88
N GLY A 20 -1.33 2.20 -2.82
CA GLY A 20 -1.99 3.50 -2.85
C GLY A 20 -1.17 4.69 -3.41
N LEU A 21 0.08 4.47 -3.82
CA LEU A 21 0.89 5.45 -4.57
C LEU A 21 1.75 4.84 -5.68
N ABA A 22 2.15 3.57 -5.57
CA ABA A 22 2.84 2.82 -6.64
C ABA A 22 1.88 2.33 -7.74
O ABA A 22 2.33 2.00 -8.84
CB ABA A 22 3.59 1.62 -6.02
CG ABA A 22 4.72 2.03 -5.08
H ABA A 22 1.99 3.09 -4.70
HA ABA A 22 3.58 3.47 -7.11
HB3 ABA A 22 4.02 1.03 -6.83
HB2 ABA A 22 2.88 0.99 -5.49
HG1 ABA A 22 5.23 1.14 -4.70
HG3 ABA A 22 4.34 2.61 -4.24
HG2 ABA A 22 5.45 2.64 -5.63
N PHE A 23 0.57 2.31 -7.47
CA PHE A 23 -0.48 1.87 -8.41
C PHE A 23 -1.67 2.84 -8.44
N ARG A 24 -2.15 3.31 -7.27
CA ARG A 24 -3.27 4.27 -7.08
C ARG A 24 -4.48 4.07 -8.01
N LEU A 25 -4.79 2.80 -8.29
CA LEU A 25 -5.68 2.37 -9.38
C LEU A 25 -7.17 2.71 -9.17
N NLE A 26 -7.60 2.78 -7.91
CA NLE A 26 -8.98 3.01 -7.47
C NLE A 26 -9.03 3.66 -6.07
O NLE A 26 -8.06 3.56 -5.31
CB NLE A 26 -9.75 1.67 -7.51
CG NLE A 26 -9.21 0.61 -6.54
CD NLE A 26 -9.85 -0.78 -6.74
CE NLE A 26 -9.37 -1.48 -8.00
H NLE A 26 -6.91 2.65 -7.18
HA NLE A 26 -9.47 3.70 -8.17
HB2 NLE A 26 -10.80 1.86 -7.27
HB3 NLE A 26 -9.71 1.29 -8.52
HG2 NLE A 26 -8.14 0.51 -6.64
HG3 NLE A 26 -9.42 0.94 -5.51
HD2 NLE A 26 -9.59 -1.39 -5.88
HD3 NLE A 26 -10.94 -0.68 -6.77
HE1 NLE A 26 -9.79 -2.48 -8.04
HE2 NLE A 26 -9.68 -0.93 -8.89
HE3 NLE A 26 -8.28 -1.56 -8.00
N GLY A 27 -10.15 4.30 -5.73
CA GLY A 27 -10.25 5.17 -4.55
C GLY A 27 -11.59 5.17 -3.81
N ALA A 28 -12.53 4.29 -4.17
CA ALA A 28 -13.83 4.18 -3.49
C ALA A 28 -13.73 3.69 -2.03
N SER A 29 -12.65 2.97 -1.68
CA SER A 29 -12.46 2.30 -0.38
C SER A 29 -10.99 2.29 0.11
N GLY A 30 -10.11 3.14 -0.44
CA GLY A 30 -8.67 3.12 -0.10
C GLY A 30 -7.84 4.29 -0.66
N PRO A 31 -6.54 4.35 -0.29
CA PRO A 31 -5.64 5.47 -0.62
C PRO A 31 -5.37 5.58 -2.13
N ASN A 32 -5.43 6.81 -2.67
CA ASN A 32 -5.40 7.07 -4.11
C ASN A 32 -4.87 8.47 -4.53
N LYS A 33 -4.38 9.30 -3.58
CA LYS A 33 -4.08 10.73 -3.78
C LYS A 33 -2.58 11.07 -3.85
N LYS A 34 -1.72 10.06 -4.03
CA LYS A 34 -0.25 10.16 -4.06
C LYS A 34 0.35 9.35 -5.21
N GLU A 35 1.60 9.64 -5.56
CA GLU A 35 2.40 8.94 -6.58
C GLU A 35 3.89 8.88 -6.16
N SER A 36 4.61 7.86 -6.63
CA SER A 36 6.03 7.58 -6.31
C SER A 36 7.01 8.73 -6.58
N ARG A 37 8.08 8.81 -5.78
CA ARG A 37 9.14 9.84 -5.81
C ARG A 37 10.55 9.22 -5.62
N GLY A 38 11.60 10.04 -5.70
CA GLY A 38 12.99 9.60 -5.52
C GLY A 38 14.00 10.76 -5.38
N ARG A 39 15.29 10.43 -5.25
CA ARG A 39 16.41 11.37 -5.00
C ARG A 39 17.58 11.27 -6.00
N GLY A 40 17.47 10.44 -7.04
CA GLY A 40 18.52 10.27 -8.05
C GLY A 40 18.12 9.50 -9.33
N NH2 A 41 16.85 9.20 -9.54
HN1 NH2 A 41 16.13 9.52 -8.90
HN2 NH2 A 41 16.60 8.68 -10.37
N VAL A 1 0.94 -20.66 1.80
CA VAL A 1 0.53 -19.34 2.35
C VAL A 1 0.36 -19.38 3.87
N VAL A 2 0.33 -18.21 4.52
CA VAL A 2 -0.08 -18.00 5.93
C VAL A 2 -1.28 -17.04 6.03
N PHE A 3 -2.04 -16.93 4.94
CA PHE A 3 -3.09 -15.94 4.64
C PHE A 3 -2.78 -14.51 5.11
N TYR A 4 -1.52 -14.11 5.00
CA TYR A 4 -1.00 -12.75 5.22
C TYR A 4 -1.27 -12.15 6.61
N VAL A 5 -1.59 -12.97 7.62
CA VAL A 5 -2.02 -12.49 8.96
C VAL A 5 -0.93 -11.68 9.68
N ALA A 6 0.35 -12.03 9.52
CA ALA A 6 1.48 -11.28 10.07
C ALA A 6 1.65 -9.92 9.36
N LEU A 7 1.60 -9.91 8.02
CA LEU A 7 1.63 -8.68 7.20
C LEU A 7 0.51 -7.72 7.62
N THR A 8 -0.69 -8.26 7.83
CA THR A 8 -1.89 -7.51 8.26
C THR A 8 -1.77 -6.93 9.69
N ALA A 9 -0.92 -7.48 10.56
CA ALA A 9 -0.86 -7.15 11.99
C ALA A 9 0.47 -6.56 12.46
N VAL A 10 1.57 -7.33 12.42
CA VAL A 10 2.91 -6.85 12.84
C VAL A 10 3.59 -5.94 11.79
N NLE A 11 3.03 -5.86 10.58
CA NLE A 11 3.39 -4.88 9.53
C NLE A 11 2.19 -4.00 9.12
O NLE A 11 2.25 -3.33 8.08
CB NLE A 11 4.04 -5.57 8.32
CG NLE A 11 5.22 -6.50 8.67
CD NLE A 11 5.89 -7.13 7.45
CE NLE A 11 6.66 -6.12 6.59
H NLE A 11 2.30 -6.53 10.37
HA NLE A 11 4.13 -4.20 9.95
HB2 NLE A 11 3.28 -6.14 7.79
HB3 NLE A 11 4.40 -4.79 7.66
HG2 NLE A 11 5.96 -5.94 9.25
HG3 NLE A 11 4.84 -7.31 9.29
HD2 NLE A 11 6.59 -7.89 7.79
HD3 NLE A 11 5.13 -7.61 6.83
HE1 NLE A 11 7.19 -6.65 5.80
HE2 NLE A 11 5.98 -5.40 6.14
HE3 NLE A 11 7.39 -5.59 7.21
N VAL A 12 1.11 -3.99 9.91
CA VAL A 12 -0.10 -3.16 9.79
C VAL A 12 -0.65 -2.95 8.35
N ALA A 13 -0.58 -4.00 7.53
CA ALA A 13 -0.96 -4.00 6.11
C ALA A 13 -0.25 -2.91 5.26
N VAL A 14 1.03 -2.63 5.54
CA VAL A 14 1.87 -1.62 4.86
C VAL A 14 1.77 -1.62 3.33
N ALA A 15 1.62 -2.78 2.71
CA ALA A 15 1.45 -2.95 1.26
C ALA A 15 0.24 -2.21 0.67
N LEU A 16 -0.83 -1.96 1.44
CA LEU A 16 -2.00 -1.19 1.00
C LEU A 16 -1.66 0.27 0.70
N TYR A 17 -0.90 0.91 1.59
CA TYR A 17 -0.47 2.30 1.43
C TYR A 17 0.59 2.45 0.33
N ALA A 18 1.45 1.43 0.15
CA ALA A 18 2.37 1.33 -0.98
C ALA A 18 1.60 1.21 -2.32
N TYR A 19 0.63 0.31 -2.44
CA TYR A 19 -0.24 0.21 -3.62
C TYR A 19 -0.96 1.54 -3.92
N GLY A 20 -1.39 2.25 -2.87
CA GLY A 20 -2.03 3.57 -2.94
C GLY A 20 -1.16 4.73 -3.44
N LEU A 21 0.09 4.48 -3.85
CA LEU A 21 0.94 5.45 -4.54
C LEU A 21 1.83 4.85 -5.66
N ABA A 22 2.19 3.56 -5.55
CA ABA A 22 2.89 2.80 -6.60
C ABA A 22 1.94 2.31 -7.72
O ABA A 22 2.42 1.96 -8.80
CB ABA A 22 3.62 1.60 -5.97
CG ABA A 22 4.73 2.01 -4.98
H ABA A 22 2.00 3.08 -4.68
HA ABA A 22 3.64 3.45 -7.07
HB3 ABA A 22 4.09 1.01 -6.77
HB2 ABA A 22 2.89 0.96 -5.47
HG1 ABA A 22 5.21 1.11 -4.61
HG3 ABA A 22 4.30 2.56 -4.15
HG2 ABA A 22 5.46 2.63 -5.49
N PHE A 23 0.63 2.32 -7.47
CA PHE A 23 -0.40 1.87 -8.41
C PHE A 23 -1.57 2.87 -8.51
N ARG A 24 -2.14 3.28 -7.36
CA ARG A 24 -3.28 4.22 -7.21
C ARG A 24 -4.41 4.05 -8.25
N LEU A 25 -4.68 2.79 -8.62
CA LEU A 25 -5.57 2.40 -9.73
C LEU A 25 -7.06 2.66 -9.45
N NLE A 26 -7.45 2.64 -8.17
CA NLE A 26 -8.82 2.78 -7.65
C NLE A 26 -8.81 3.36 -6.23
O NLE A 26 -7.78 3.29 -5.54
CB NLE A 26 -9.52 1.41 -7.72
CG NLE A 26 -8.87 0.32 -6.83
CD NLE A 26 -9.44 -1.09 -7.06
CE NLE A 26 -8.98 -1.70 -8.40
H NLE A 26 -6.73 2.50 -7.48
HA NLE A 26 -9.37 3.48 -8.30
HB2 NLE A 26 -10.56 1.53 -7.42
HB3 NLE A 26 -9.51 1.08 -8.75
HG2 NLE A 26 -7.79 0.29 -6.99
HG3 NLE A 26 -9.04 0.58 -5.78
HD2 NLE A 26 -9.10 -1.73 -6.26
HD3 NLE A 26 -10.53 -1.05 -7.04
HE1 NLE A 26 -9.35 -2.72 -8.47
HE2 NLE A 26 -9.37 -1.12 -9.24
HE3 NLE A 26 -7.89 -1.72 -8.44
N GLY A 27 -9.93 3.93 -5.79
CA GLY A 27 -9.99 4.73 -4.56
C GLY A 27 -11.31 4.72 -3.78
N ALA A 28 -12.30 3.94 -4.19
CA ALA A 28 -13.58 3.82 -3.46
C ALA A 28 -13.46 3.15 -2.08
N SER A 29 -12.39 2.39 -1.84
CA SER A 29 -12.20 1.53 -0.64
C SER A 29 -10.75 1.49 -0.13
N GLY A 30 -9.87 2.42 -0.54
CA GLY A 30 -8.47 2.47 -0.09
C GLY A 30 -7.68 3.73 -0.51
N PRO A 31 -6.44 3.89 0.00
CA PRO A 31 -5.57 5.02 -0.31
C PRO A 31 -5.30 5.18 -1.82
N ASN A 32 -5.32 6.42 -2.33
CA ASN A 32 -5.26 6.70 -3.77
C ASN A 32 -4.75 8.12 -4.15
N LYS A 33 -4.19 8.88 -3.20
CA LYS A 33 -3.98 10.35 -3.30
C LYS A 33 -2.51 10.80 -3.31
N LYS A 34 -1.57 9.88 -3.57
CA LYS A 34 -0.13 10.14 -3.73
C LYS A 34 0.43 9.36 -4.94
N GLU A 35 1.67 9.63 -5.32
CA GLU A 35 2.41 8.93 -6.39
C GLU A 35 3.90 8.80 -6.01
N SER A 36 4.58 7.76 -6.54
CA SER A 36 5.99 7.43 -6.27
C SER A 36 6.98 8.59 -6.50
N ARG A 37 8.05 8.63 -5.68
CA ARG A 37 9.13 9.64 -5.68
C ARG A 37 10.51 9.00 -5.50
N GLY A 38 11.57 9.81 -5.54
CA GLY A 38 12.96 9.37 -5.34
C GLY A 38 13.94 10.53 -5.07
N ARG A 39 15.21 10.19 -4.85
CA ARG A 39 16.30 11.11 -4.42
C ARG A 39 17.59 11.00 -5.26
N GLY A 40 17.54 10.32 -6.42
CA GLY A 40 18.68 10.19 -7.34
C GLY A 40 18.43 9.30 -8.57
N NH2 A 41 17.48 8.38 -8.51
HN1 NH2 A 41 16.98 8.20 -7.65
HN2 NH2 A 41 17.30 7.80 -9.32
N VAL A 1 1.30 -19.79 1.92
CA VAL A 1 0.72 -18.59 2.59
C VAL A 1 0.42 -18.84 4.07
N VAL A 2 0.32 -17.77 4.86
CA VAL A 2 -0.13 -17.76 6.27
C VAL A 2 -1.29 -16.75 6.49
N PHE A 3 -2.04 -16.48 5.42
CA PHE A 3 -3.05 -15.42 5.27
C PHE A 3 -2.66 -14.05 5.88
N TYR A 4 -1.38 -13.69 5.72
CA TYR A 4 -0.82 -12.34 5.97
C TYR A 4 -0.98 -11.80 7.40
N VAL A 5 -1.23 -12.67 8.40
CA VAL A 5 -1.53 -12.26 9.80
C VAL A 5 -0.43 -11.41 10.44
N ALA A 6 0.85 -11.68 10.14
CA ALA A 6 1.97 -10.87 10.59
C ALA A 6 2.05 -9.52 9.84
N LEU A 7 1.96 -9.54 8.51
CA LEU A 7 1.98 -8.34 7.65
C LEU A 7 0.88 -7.34 8.07
N THR A 8 -0.31 -7.85 8.39
CA THR A 8 -1.48 -7.07 8.84
C THR A 8 -1.31 -6.46 10.25
N ALA A 9 -0.33 -6.89 11.04
CA ALA A 9 -0.20 -6.55 12.47
C ALA A 9 1.16 -5.94 12.87
N VAL A 10 2.28 -6.62 12.62
CA VAL A 10 3.64 -6.10 12.90
C VAL A 10 4.18 -5.19 11.78
N NLE A 11 3.50 -5.16 10.62
CA NLE A 11 3.75 -4.23 9.51
C NLE A 11 2.49 -3.46 9.09
O NLE A 11 2.45 -2.84 8.03
CB NLE A 11 4.37 -4.99 8.31
CG NLE A 11 5.72 -5.66 8.64
CD NLE A 11 6.29 -6.48 7.47
CE NLE A 11 6.66 -5.63 6.25
H NLE A 11 2.77 -5.84 10.51
HA NLE A 11 4.48 -3.48 9.83
HB2 NLE A 11 3.67 -5.75 7.96
HB3 NLE A 11 4.54 -4.28 7.50
HG2 NLE A 11 6.44 -4.90 8.94
HG3 NLE A 11 5.58 -6.36 9.47
HD2 NLE A 11 7.20 -6.98 7.82
HD3 NLE A 11 5.57 -7.24 7.17
HE1 NLE A 11 7.17 -6.25 5.52
HE2 NLE A 11 5.76 -5.22 5.79
HE3 NLE A 11 7.32 -4.81 6.54
N VAL A 12 1.43 -3.49 9.94
CA VAL A 12 0.15 -2.75 9.82
C VAL A 12 -0.42 -2.63 8.39
N ALA A 13 -0.34 -3.71 7.60
CA ALA A 13 -0.78 -3.79 6.20
C ALA A 13 -0.14 -2.73 5.26
N VAL A 14 1.14 -2.42 5.46
CA VAL A 14 1.95 -1.47 4.65
C VAL A 14 1.78 -1.59 3.13
N ALA A 15 1.52 -2.81 2.63
CA ALA A 15 1.25 -3.08 1.22
C ALA A 15 0.08 -2.25 0.64
N LEU A 16 -0.97 -1.94 1.42
CA LEU A 16 -2.08 -1.08 1.01
C LEU A 16 -1.59 0.34 0.70
N TYR A 17 -0.83 0.93 1.62
CA TYR A 17 -0.34 2.31 1.52
C TYR A 17 0.75 2.47 0.45
N ALA A 18 1.56 1.43 0.22
CA ALA A 18 2.47 1.35 -0.92
C ALA A 18 1.70 1.28 -2.25
N TYR A 19 0.77 0.33 -2.41
CA TYR A 19 -0.07 0.19 -3.61
C TYR A 19 -0.86 1.48 -3.91
N GLY A 20 -1.32 2.18 -2.88
CA GLY A 20 -2.05 3.45 -2.95
C GLY A 20 -1.26 4.66 -3.49
N LEU A 21 0.00 4.48 -3.88
CA LEU A 21 0.79 5.47 -4.64
C LEU A 21 1.69 4.87 -5.73
N ABA A 22 2.14 3.62 -5.57
CA ABA A 22 2.88 2.86 -6.60
C ABA A 22 1.97 2.32 -7.72
O ABA A 22 2.47 1.99 -8.79
CB ABA A 22 3.66 1.70 -5.95
CG ABA A 22 4.74 2.18 -4.98
H ABA A 22 1.97 3.14 -4.69
HA ABA A 22 3.60 3.53 -7.07
HB3 ABA A 22 4.13 1.11 -6.72
HB2 ABA A 22 2.95 1.06 -5.41
HG1 ABA A 22 5.27 1.32 -4.58
HG3 ABA A 22 4.31 2.75 -4.16
HG2 ABA A 22 5.46 2.81 -5.52
N PHE A 23 0.65 2.26 -7.49
CA PHE A 23 -0.35 1.76 -8.44
C PHE A 23 -1.59 2.66 -8.54
N ARG A 24 -2.12 3.10 -7.38
CA ARG A 24 -3.27 4.04 -7.21
C ARG A 24 -4.46 3.82 -8.18
N LEU A 25 -4.73 2.55 -8.51
CA LEU A 25 -5.67 2.11 -9.54
C LEU A 25 -7.15 2.43 -9.24
N NLE A 26 -7.51 2.53 -7.97
CA NLE A 26 -8.88 2.71 -7.46
C NLE A 26 -8.88 3.51 -6.15
O NLE A 26 -7.90 3.48 -5.39
CB NLE A 26 -9.53 1.33 -7.29
CG NLE A 26 -8.86 0.43 -6.23
CD NLE A 26 -9.21 -1.06 -6.37
CE NLE A 26 -8.47 -1.74 -7.52
H NLE A 26 -6.78 2.45 -7.27
HA NLE A 26 -9.45 3.27 -8.19
HB2 NLE A 26 -10.58 1.45 -7.03
HB3 NLE A 26 -9.50 0.83 -8.26
HG2 NLE A 26 -7.78 0.53 -6.27
HG3 NLE A 26 -9.19 0.77 -5.24
HD2 NLE A 26 -8.94 -1.56 -5.45
HD3 NLE A 26 -10.29 -1.16 -6.52
HE1 NLE A 26 -8.71 -2.80 -7.54
HE2 NLE A 26 -8.75 -1.29 -8.48
HE3 NLE A 26 -7.39 -1.63 -7.38
N GLY A 27 -9.98 4.22 -5.87
CA GLY A 27 -10.03 5.24 -4.79
C GLY A 27 -11.33 5.33 -3.99
N ALA A 28 -12.36 4.53 -4.32
CA ALA A 28 -13.61 4.46 -3.54
C ALA A 28 -13.45 3.79 -2.16
N SER A 29 -12.32 3.13 -1.90
CA SER A 29 -12.10 2.25 -0.73
C SER A 29 -10.71 2.37 -0.08
N GLY A 30 -9.85 3.31 -0.51
CA GLY A 30 -8.50 3.47 0.05
C GLY A 30 -7.62 4.57 -0.58
N PRO A 31 -6.38 4.75 -0.08
CA PRO A 31 -5.42 5.75 -0.56
C PRO A 31 -5.20 5.72 -2.09
N ASN A 32 -5.26 6.89 -2.73
CA ASN A 32 -5.17 7.03 -4.20
C ASN A 32 -4.68 8.41 -4.69
N LYS A 33 -4.26 9.32 -3.79
CA LYS A 33 -4.02 10.76 -4.06
C LYS A 33 -2.54 11.16 -3.98
N LYS A 34 -1.63 10.20 -4.11
CA LYS A 34 -0.17 10.37 -4.20
C LYS A 34 0.40 9.48 -5.31
N GLU A 35 1.64 9.74 -5.73
CA GLU A 35 2.40 8.94 -6.71
C GLU A 35 3.88 8.86 -6.31
N SER A 36 4.61 7.85 -6.82
CA SER A 36 6.02 7.59 -6.50
C SER A 36 6.97 8.76 -6.78
N ARG A 37 8.04 8.88 -5.97
CA ARG A 37 9.06 9.95 -6.01
C ARG A 37 10.49 9.41 -5.83
N GLY A 38 11.48 10.28 -6.04
CA GLY A 38 12.92 9.99 -5.89
C GLY A 38 13.78 11.26 -5.88
N ARG A 39 15.11 11.08 -5.74
CA ARG A 39 16.10 12.17 -5.52
C ARG A 39 17.33 12.06 -6.44
N GLY A 40 17.21 11.38 -7.58
CA GLY A 40 18.29 11.23 -8.57
C GLY A 40 17.92 10.45 -9.85
N NH2 A 41 16.89 9.61 -9.81
HN1 NH2 A 41 16.39 9.45 -8.96
HN2 NH2 A 41 16.64 9.12 -10.67
N VAL A 1 2.64 -19.48 0.17
CA VAL A 1 1.88 -18.41 0.90
C VAL A 1 1.39 -18.91 2.26
N VAL A 2 1.17 -17.98 3.20
CA VAL A 2 0.62 -18.23 4.56
C VAL A 2 -0.54 -17.27 4.89
N PHE A 3 -1.23 -16.80 3.84
CA PHE A 3 -2.26 -15.75 3.85
C PHE A 3 -1.93 -14.51 4.72
N TYR A 4 -0.66 -14.07 4.65
CA TYR A 4 -0.19 -12.75 5.09
C TYR A 4 -0.44 -12.41 6.58
N VAL A 5 -0.59 -13.43 7.44
CA VAL A 5 -0.99 -13.28 8.86
C VAL A 5 -0.10 -12.35 9.69
N ALA A 6 1.18 -12.17 9.32
CA ALA A 6 2.07 -11.17 9.93
C ALA A 6 1.99 -9.80 9.25
N LEU A 7 2.01 -9.75 7.90
CA LEU A 7 1.98 -8.52 7.11
C LEU A 7 0.72 -7.69 7.42
N THR A 8 -0.44 -8.35 7.48
CA THR A 8 -1.75 -7.74 7.78
C THR A 8 -1.90 -7.31 9.25
N ALA A 9 -0.99 -7.69 10.15
CA ALA A 9 -1.10 -7.49 11.60
C ALA A 9 0.08 -6.72 12.21
N VAL A 10 1.26 -7.33 12.37
CA VAL A 10 2.46 -6.68 12.94
C VAL A 10 3.12 -5.65 12.00
N NLE A 11 2.76 -5.67 10.71
CA NLE A 11 3.10 -4.63 9.72
C NLE A 11 1.86 -3.85 9.23
O NLE A 11 1.92 -3.17 8.21
CB NLE A 11 3.90 -5.23 8.54
CG NLE A 11 5.13 -6.06 8.97
CD NLE A 11 5.94 -6.59 7.78
CE NLE A 11 6.67 -5.48 6.99
H NLE A 11 2.19 -6.45 10.40
HA NLE A 11 3.75 -3.90 10.20
HB2 NLE A 11 3.24 -5.84 7.94
HB3 NLE A 11 4.24 -4.39 7.92
HG2 NLE A 11 5.77 -5.45 9.61
HG3 NLE A 11 4.78 -6.91 9.54
HD2 NLE A 11 6.68 -7.28 8.15
HD3 NLE A 11 5.27 -7.13 7.10
HE1 NLE A 11 7.30 -5.95 6.22
HE2 NLE A 11 5.96 -4.82 6.50
HE3 NLE A 11 7.30 -4.91 7.67
N VAL A 12 0.74 -3.94 9.96
CA VAL A 12 -0.53 -3.21 9.77
C VAL A 12 -1.00 -3.04 8.30
N ALA A 13 -0.81 -4.10 7.48
CA ALA A 13 -1.11 -4.14 6.06
C ALA A 13 -0.43 -3.01 5.23
N VAL A 14 0.81 -2.65 5.57
CA VAL A 14 1.60 -1.56 4.92
C VAL A 14 1.59 -1.59 3.38
N ALA A 15 1.50 -2.77 2.78
CA ALA A 15 1.37 -2.97 1.32
C ALA A 15 0.18 -2.20 0.69
N LEU A 16 -0.91 -1.95 1.44
CA LEU A 16 -2.04 -1.14 0.98
C LEU A 16 -1.64 0.31 0.66
N TYR A 17 -0.85 0.94 1.54
CA TYR A 17 -0.40 2.33 1.37
C TYR A 17 0.69 2.45 0.30
N ALA A 18 1.52 1.42 0.13
CA ALA A 18 2.44 1.30 -1.00
C ALA A 18 1.67 1.19 -2.33
N TYR A 19 0.70 0.29 -2.46
CA TYR A 19 -0.18 0.18 -3.63
C TYR A 19 -0.94 1.49 -3.91
N GLY A 20 -1.37 2.19 -2.85
CA GLY A 20 -2.04 3.49 -2.89
C GLY A 20 -1.20 4.68 -3.40
N LEU A 21 0.06 4.46 -3.82
CA LEU A 21 0.88 5.46 -4.53
C LEU A 21 1.75 4.88 -5.66
N ABA A 22 2.17 3.61 -5.55
CA ABA A 22 2.89 2.88 -6.62
C ABA A 22 1.95 2.37 -7.73
O ABA A 22 2.41 2.03 -8.80
CB ABA A 22 3.67 1.71 -6.01
CG ABA A 22 4.76 2.16 -5.02
H ABA A 22 2.00 3.11 -4.69
HA ABA A 22 3.60 3.56 -7.09
HB3 ABA A 22 4.16 1.16 -6.81
HB2 ABA A 22 2.98 1.03 -5.50
HG1 ABA A 22 5.30 1.29 -4.65
HG3 ABA A 22 4.32 2.68 -4.17
HG2 ABA A 22 5.46 2.83 -5.52
N PHE A 23 0.63 2.35 -7.47
CA PHE A 23 -0.41 1.90 -8.40
C PHE A 23 -1.57 2.90 -8.47
N ARG A 24 -2.14 3.29 -7.32
CA ARG A 24 -3.26 4.25 -7.14
C ARG A 24 -4.44 4.09 -8.13
N LEU A 25 -4.67 2.86 -8.58
CA LEU A 25 -5.60 2.48 -9.66
C LEU A 25 -7.09 2.68 -9.31
N NLE A 26 -7.44 2.63 -8.02
CA NLE A 26 -8.80 2.70 -7.49
C NLE A 26 -8.83 3.35 -6.10
O NLE A 26 -7.84 3.30 -5.36
CB NLE A 26 -9.42 1.29 -7.48
CG NLE A 26 -8.67 0.26 -6.62
CD NLE A 26 -9.27 -1.15 -6.67
CE NLE A 26 -9.14 -1.82 -8.05
H NLE A 26 -6.69 2.48 -7.34
HA NLE A 26 -9.40 3.33 -8.15
HB2 NLE A 26 -10.45 1.36 -7.11
HB3 NLE A 26 -9.48 0.94 -8.51
HG2 NLE A 26 -7.63 0.20 -6.95
HG3 NLE A 26 -8.67 0.59 -5.58
HD2 NLE A 26 -8.75 -1.77 -5.93
HD3 NLE A 26 -10.33 -1.10 -6.40
HE1 NLE A 26 -8.09 -1.82 -8.36
HE2 NLE A 26 -9.49 -2.85 -7.97
HE3 NLE A 26 -9.74 -1.30 -8.78
N GLY A 27 -9.96 3.96 -5.74
CA GLY A 27 -10.07 4.84 -4.56
C GLY A 27 -11.43 4.83 -3.84
N ALA A 28 -12.32 3.88 -4.17
CA ALA A 28 -13.63 3.74 -3.52
C ALA A 28 -13.56 3.39 -2.02
N SER A 29 -12.46 2.77 -1.58
CA SER A 29 -12.30 2.19 -0.23
C SER A 29 -10.87 2.30 0.34
N GLY A 30 -9.98 3.11 -0.25
CA GLY A 30 -8.57 3.15 0.14
C GLY A 30 -7.72 4.27 -0.50
N PRO A 31 -6.42 4.34 -0.13
CA PRO A 31 -5.50 5.41 -0.54
C PRO A 31 -5.27 5.45 -2.06
N ASN A 32 -5.29 6.65 -2.64
CA ASN A 32 -5.19 6.87 -4.10
C ASN A 32 -4.68 8.28 -4.51
N LYS A 33 -4.17 9.09 -3.57
CA LYS A 33 -3.91 10.54 -3.75
C LYS A 33 -2.43 10.92 -3.57
N LYS A 34 -1.53 9.98 -3.86
CA LYS A 34 -0.06 10.12 -3.89
C LYS A 34 0.50 9.38 -5.11
N GLU A 35 1.76 9.67 -5.47
CA GLU A 35 2.52 8.98 -6.53
C GLU A 35 4.00 8.87 -6.13
N SER A 36 4.71 7.83 -6.62
CA SER A 36 6.11 7.52 -6.30
C SER A 36 7.10 8.67 -6.55
N ARG A 37 8.16 8.76 -5.74
CA ARG A 37 9.19 9.84 -5.75
C ARG A 37 10.61 9.31 -5.55
N GLY A 38 11.60 10.19 -5.68
CA GLY A 38 13.04 9.94 -5.47
C GLY A 38 13.85 11.24 -5.35
N ARG A 39 15.17 11.12 -5.13
CA ARG A 39 16.09 12.24 -4.81
C ARG A 39 17.35 12.31 -5.70
N GLY A 40 17.45 11.50 -6.75
CA GLY A 40 18.58 11.51 -7.68
C GLY A 40 18.57 10.45 -8.80
N NH2 A 41 17.79 9.39 -8.67
HN1 NH2 A 41 17.26 9.24 -7.82
HN2 NH2 A 41 17.76 8.70 -9.40
N VAL A 1 3.27 -19.30 0.04
CA VAL A 1 2.56 -18.22 0.79
C VAL A 1 2.08 -18.71 2.17
N VAL A 2 1.84 -17.78 3.09
CA VAL A 2 1.42 -18.04 4.50
C VAL A 2 0.21 -17.18 4.92
N PHE A 3 -0.59 -16.73 3.96
CA PHE A 3 -1.67 -15.73 4.11
C PHE A 3 -1.24 -14.46 4.88
N TYR A 4 0.02 -14.03 4.67
CA TYR A 4 0.57 -12.73 5.07
C TYR A 4 0.44 -12.38 6.58
N VAL A 5 0.44 -13.39 7.45
CA VAL A 5 0.25 -13.29 8.92
C VAL A 5 1.26 -12.40 9.67
N ALA A 6 2.29 -11.87 9.01
CA ALA A 6 3.22 -10.88 9.55
C ALA A 6 3.20 -9.54 8.78
N LEU A 7 3.03 -9.56 7.46
CA LEU A 7 2.92 -8.36 6.61
C LEU A 7 1.61 -7.59 6.91
N THR A 8 0.48 -8.29 6.96
CA THR A 8 -0.83 -7.71 7.30
C THR A 8 -0.93 -7.29 8.77
N ALA A 9 -0.14 -7.90 9.67
CA ALA A 9 -0.26 -7.74 11.12
C ALA A 9 0.83 -6.83 11.72
N VAL A 10 2.10 -7.28 11.75
CA VAL A 10 3.20 -6.56 12.42
C VAL A 10 3.68 -5.36 11.59
N NLE A 11 3.66 -5.50 10.25
CA NLE A 11 3.91 -4.42 9.29
C NLE A 11 2.61 -3.67 8.92
O NLE A 11 2.58 -2.91 7.95
CB NLE A 11 4.64 -4.93 8.04
CG NLE A 11 5.89 -5.78 8.35
CD NLE A 11 6.66 -6.18 7.07
CE NLE A 11 7.48 -5.03 6.48
H NLE A 11 3.47 -6.43 9.88
HA NLE A 11 4.57 -3.69 9.77
HB2 NLE A 11 3.95 -5.52 7.43
HB3 NLE A 11 4.94 -4.06 7.45
HG2 NLE A 11 6.55 -5.24 9.01
HG3 NLE A 11 5.58 -6.70 8.83
HD2 NLE A 11 7.34 -6.98 7.33
HD3 NLE A 11 5.96 -6.55 6.32
HE1 NLE A 11 8.00 -5.39 5.59
HE2 NLE A 11 6.83 -4.20 6.18
HE3 NLE A 11 8.21 -4.67 7.21
N VAL A 12 1.53 -3.85 9.70
CA VAL A 12 0.21 -3.20 9.62
C VAL A 12 -0.34 -3.01 8.19
N ALA A 13 -0.15 -4.01 7.32
CA ALA A 13 -0.55 -4.01 5.91
C ALA A 13 0.05 -2.84 5.09
N VAL A 14 1.34 -2.53 5.30
CA VAL A 14 2.14 -1.55 4.53
C VAL A 14 1.92 -1.62 3.01
N ALA A 15 1.66 -2.82 2.47
CA ALA A 15 1.33 -3.05 1.07
C ALA A 15 0.12 -2.22 0.55
N LEU A 16 -0.90 -1.95 1.37
CA LEU A 16 -2.05 -1.12 1.00
C LEU A 16 -1.64 0.34 0.76
N TYR A 17 -0.88 0.92 1.71
CA TYR A 17 -0.38 2.29 1.63
C TYR A 17 0.64 2.47 0.50
N ALA A 18 1.49 1.47 0.26
CA ALA A 18 2.40 1.42 -0.88
C ALA A 18 1.64 1.34 -2.22
N TYR A 19 0.73 0.38 -2.40
CA TYR A 19 -0.10 0.24 -3.61
C TYR A 19 -0.90 1.51 -3.91
N GLY A 20 -1.37 2.22 -2.87
CA GLY A 20 -2.04 3.51 -2.95
C GLY A 20 -1.24 4.70 -3.52
N LEU A 21 0.04 4.49 -3.91
CA LEU A 21 0.84 5.45 -4.68
C LEU A 21 1.75 4.80 -5.74
N ABA A 22 2.15 3.54 -5.56
CA ABA A 22 2.90 2.74 -6.54
C ABA A 22 2.00 2.19 -7.67
O ABA A 22 2.52 1.78 -8.72
CB ABA A 22 3.65 1.60 -5.84
CG ABA A 22 4.73 2.11 -4.88
H ABA A 22 1.95 3.09 -4.67
HA ABA A 22 3.64 3.39 -7.02
HB3 ABA A 22 4.13 0.98 -6.59
HB2 ABA A 22 2.93 0.98 -5.29
HG1 ABA A 22 5.25 1.25 -4.44
HG3 ABA A 22 4.29 2.70 -4.08
HG2 ABA A 22 5.45 2.72 -5.42
N PHE A 23 0.68 2.19 -7.48
CA PHE A 23 -0.32 1.73 -8.46
C PHE A 23 -1.50 2.70 -8.56
N ARG A 24 -2.11 3.08 -7.42
CA ARG A 24 -3.32 3.94 -7.29
C ARG A 24 -4.46 3.64 -8.29
N LEU A 25 -4.59 2.37 -8.68
CA LEU A 25 -5.53 1.87 -9.69
C LEU A 25 -7.02 1.94 -9.25
N NLE A 26 -7.26 1.95 -7.94
CA NLE A 26 -8.57 2.05 -7.28
C NLE A 26 -8.45 2.75 -5.92
O NLE A 26 -7.35 2.86 -5.37
CB NLE A 26 -9.19 0.64 -7.15
CG NLE A 26 -8.36 -0.33 -6.29
CD NLE A 26 -8.96 -1.75 -6.22
CE NLE A 26 -8.88 -2.51 -7.55
H NLE A 26 -6.46 1.92 -7.33
HA NLE A 26 -9.23 2.65 -7.91
HB2 NLE A 26 -10.19 0.73 -6.73
HB3 NLE A 26 -9.29 0.23 -8.16
HG2 NLE A 26 -7.34 -0.40 -6.67
HG3 NLE A 26 -8.31 0.06 -5.26
HD2 NLE A 26 -8.42 -2.32 -5.47
HD3 NLE A 26 -10.01 -1.68 -5.91
HE1 NLE A 26 -7.83 -2.53 -7.89
HE2 NLE A 26 -9.22 -3.53 -7.40
HE3 NLE A 26 -9.50 -2.03 -8.30
N GLY A 27 -9.57 3.24 -5.38
CA GLY A 27 -9.57 4.13 -4.21
C GLY A 27 -10.86 4.21 -3.38
N ALA A 28 -11.84 3.33 -3.62
CA ALA A 28 -13.12 3.32 -2.89
C ALA A 28 -12.98 2.95 -1.39
N SER A 29 -11.85 2.38 -0.97
CA SER A 29 -11.57 1.92 0.42
C SER A 29 -10.09 2.07 0.82
N GLY A 30 -9.32 2.95 0.17
CA GLY A 30 -7.90 3.17 0.49
C GLY A 30 -7.24 4.35 -0.24
N PRO A 31 -5.99 4.71 0.13
CA PRO A 31 -5.22 5.81 -0.47
C PRO A 31 -5.11 5.69 -2.01
N ASN A 32 -5.23 6.82 -2.71
CA ASN A 32 -5.27 6.87 -4.19
C ASN A 32 -4.86 8.22 -4.80
N LYS A 33 -4.28 9.14 -4.00
CA LYS A 33 -4.07 10.56 -4.33
C LYS A 33 -2.60 11.01 -4.26
N LYS A 34 -1.67 10.05 -4.36
CA LYS A 34 -0.20 10.23 -4.45
C LYS A 34 0.37 9.34 -5.56
N GLU A 35 1.62 9.60 -5.94
CA GLU A 35 2.35 8.83 -6.97
C GLU A 35 3.82 8.66 -6.57
N SER A 36 4.53 7.70 -7.21
CA SER A 36 5.98 7.51 -7.04
C SER A 36 6.79 8.74 -7.50
N ARG A 37 7.90 9.04 -6.81
CA ARG A 37 8.82 10.16 -7.06
C ARG A 37 10.29 9.74 -6.91
N GLY A 38 11.24 10.62 -7.26
CA GLY A 38 12.68 10.38 -7.16
C GLY A 38 13.53 11.65 -7.28
N ARG A 39 14.85 11.50 -7.16
CA ARG A 39 15.84 12.61 -7.05
C ARG A 39 17.05 12.46 -8.00
N GLY A 40 16.99 11.53 -8.95
CA GLY A 40 18.06 11.30 -9.94
C GLY A 40 17.86 10.07 -10.86
N NH2 A 41 17.07 9.09 -10.44
HN1 NH2 A 41 16.66 9.11 -9.53
HN2 NH2 A 41 16.91 8.29 -11.06
#